data_6JZ5
#
_entry.id   6JZ5
#
_cell.length_a   162.549
_cell.length_b   103.178
_cell.length_c   112.460
_cell.angle_alpha   90.000
_cell.angle_beta   130.990
_cell.angle_gamma   90.000
#
_symmetry.space_group_name_H-M   'C 1 2 1'
#
loop_
_entity.id
_entity.type
_entity.pdbx_description
1 polymer Beta-glucuronidase
2 non-polymer 'beta-D-glucopyranuronic acid'
3 water water
#
_entity_poly.entity_id   1
_entity_poly.type   'polypeptide(L)'
_entity_poly.pdbx_seq_one_letter_code
;MLEYSELYPIQNEYRMMQSLDGMWKFQFDPEEIGKKSGWENGLPAPVSMPVPSSFADFFTDHKERDYCGDFWYETEFYLP
AEWRNKKIWLRFGSITHRGTVYCNGMEITSHEGGFLPVLADISTVAKPGQVNQVVVKINNELNETSLPCGATKILNNGRK
LAKPYFDFFNYSGLQRSVWVIALPEESVKDYSVDYELCGTDALVKYEVVTTGEHPVIVRLLDAEGELVAETEGKEGILQV
ANARLWEVRNAYLYQIVILITDGNGVLDEYREKIGIRTVRIEGTKILLNDRPVYLKGFGKHEDFPILGRGFHWGIVKRDF
ECLKWTNANCFRTSHYPYAEEWYQFADEEGFLIIDEVPAVGMMRSTRNFVAAGSGNYTYFFEALTVPELLKSHIADTEEM
ITRDKNHPSVIAWSLFNEPETITDYAYEYFKEVFAAAETYDFQSRPMTGAFEKNSKPELCKCYPLCDFICLNRYYGWYIS
GGPEIEEAEELFRDEMDRWKAKELNVPFVFTEFGTDTMAGLHKLPSIMWSEEYQKEYLEMNFRVFDSYEFVQGELAWNFA
DFQTTEGIMRVDGNHKGVFTRDRQPKAAAVVFKDRWEKKNELF
;
_entity_poly.pdbx_strand_id   A,B
#
# COMPACT_ATOMS: atom_id res chain seq x y z
N LEU A 2 10.94 -25.82 -15.87
CA LEU A 2 9.60 -25.30 -15.64
C LEU A 2 8.92 -24.99 -16.97
N GLU A 3 7.59 -25.10 -16.99
CA GLU A 3 6.80 -24.87 -18.20
C GLU A 3 6.38 -23.42 -18.33
N TYR A 4 7.20 -22.54 -17.77
CA TYR A 4 6.93 -21.11 -17.80
C TYR A 4 8.20 -20.38 -17.37
N SER A 5 8.19 -19.07 -17.54
CA SER A 5 9.32 -18.22 -17.14
C SER A 5 9.11 -17.61 -15.76
N GLU A 6 10.16 -17.61 -14.94
CA GLU A 6 10.13 -16.90 -13.66
C GLU A 6 10.59 -15.45 -13.79
N LEU A 7 11.06 -15.05 -14.98
CA LEU A 7 11.65 -13.72 -15.14
C LEU A 7 10.69 -12.59 -14.77
N TYR A 8 11.21 -11.61 -14.05
CA TYR A 8 10.41 -10.46 -13.65
C TYR A 8 9.92 -9.71 -14.88
N PRO A 9 8.64 -9.29 -14.89
CA PRO A 9 8.14 -8.68 -16.12
C PRO A 9 8.68 -7.27 -16.37
N ILE A 10 8.96 -6.98 -17.64
CA ILE A 10 9.43 -5.65 -18.05
C ILE A 10 8.63 -5.16 -19.24
N GLN A 11 8.76 -3.88 -19.53
CA GLN A 11 8.08 -3.33 -20.68
C GLN A 11 9.06 -2.70 -21.64
N ASN A 12 8.97 -3.13 -22.90
CA ASN A 12 9.77 -2.54 -23.96
C ASN A 12 9.07 -2.79 -25.29
N GLU A 13 9.81 -2.70 -26.39
CA GLU A 13 9.18 -2.86 -27.70
C GLU A 13 8.57 -4.25 -27.90
N TYR A 14 9.11 -5.22 -27.19
CA TYR A 14 8.77 -6.63 -27.43
C TYR A 14 7.86 -7.21 -26.36
N ARG A 15 7.92 -6.63 -25.16
CA ARG A 15 7.22 -7.14 -23.99
C ARG A 15 6.31 -6.07 -23.41
N MET A 16 5.06 -6.42 -23.13
CA MET A 16 4.13 -5.47 -22.52
C MET A 16 3.66 -5.99 -21.18
N MET A 17 3.25 -5.07 -20.31
CA MET A 17 2.70 -5.45 -19.03
C MET A 17 1.64 -4.46 -18.62
N GLN A 18 0.65 -4.98 -17.92
CA GLN A 18 -0.45 -4.17 -17.42
C GLN A 18 -0.80 -4.66 -16.02
N SER A 19 -0.81 -3.75 -15.06
CA SER A 19 -1.11 -4.13 -13.68
C SER A 19 -2.59 -4.44 -13.46
N LEU A 20 -2.87 -5.54 -12.76
CA LEU A 20 -4.23 -5.87 -12.35
C LEU A 20 -4.46 -5.57 -10.87
N ASP A 21 -3.49 -4.92 -10.23
CA ASP A 21 -3.65 -4.52 -8.82
C ASP A 21 -4.85 -3.58 -8.67
N GLY A 22 -5.48 -3.61 -7.50
CA GLY A 22 -6.60 -2.72 -7.24
C GLY A 22 -7.64 -3.46 -6.41
N MET A 23 -8.91 -3.10 -6.58
CA MET A 23 -9.99 -3.76 -5.87
C MET A 23 -10.57 -4.87 -6.72
N TRP A 24 -10.41 -6.10 -6.27
CA TRP A 24 -11.01 -7.24 -6.94
C TRP A 24 -12.34 -7.59 -6.30
N LYS A 25 -13.09 -8.46 -6.97
CA LYS A 25 -14.25 -9.10 -6.36
C LYS A 25 -13.80 -10.36 -5.64
N PHE A 26 -14.51 -10.71 -4.56
CA PHE A 26 -14.05 -11.74 -3.64
C PHE A 26 -15.24 -12.45 -3.03
N GLN A 27 -15.19 -13.77 -2.91
CA GLN A 27 -16.27 -14.46 -2.22
C GLN A 27 -15.79 -15.72 -1.50
N PHE A 28 -16.15 -15.84 -0.23
CA PHE A 28 -15.88 -17.06 0.53
C PHE A 28 -16.74 -18.22 0.04
N ASP A 29 -16.24 -19.44 0.12
CA ASP A 29 -16.97 -20.61 -0.38
C ASP A 29 -16.92 -21.74 0.65
N PRO A 30 -17.55 -21.52 1.82
CA PRO A 30 -17.53 -22.49 2.91
C PRO A 30 -18.13 -23.84 2.53
N GLU A 31 -19.10 -23.86 1.61
CA GLU A 31 -19.79 -25.10 1.22
C GLU A 31 -19.11 -25.81 0.05
N GLU A 32 -18.04 -25.21 -0.45
CA GLU A 32 -17.28 -25.76 -1.57
C GLU A 32 -18.18 -26.02 -2.77
N ILE A 33 -18.99 -25.02 -3.12
CA ILE A 33 -19.93 -25.15 -4.23
C ILE A 33 -19.58 -24.31 -5.45
N GLY A 34 -18.46 -23.61 -5.43
CA GLY A 34 -18.19 -22.65 -6.47
C GLY A 34 -18.11 -23.23 -7.88
N LYS A 35 -17.33 -24.29 -8.04
CA LYS A 35 -17.15 -24.84 -9.37
C LYS A 35 -18.44 -25.47 -9.88
N LYS A 36 -19.17 -26.17 -9.02
CA LYS A 36 -20.42 -26.78 -9.49
C LYS A 36 -21.51 -25.72 -9.65
N SER A 37 -21.22 -24.48 -9.26
CA SER A 37 -22.17 -23.38 -9.40
C SER A 37 -21.75 -22.39 -10.49
N GLY A 38 -20.68 -22.71 -11.21
CA GLY A 38 -20.19 -21.87 -12.29
C GLY A 38 -19.51 -20.57 -11.85
N TRP A 39 -18.93 -20.55 -10.65
CA TRP A 39 -18.27 -19.33 -10.19
C TRP A 39 -17.07 -18.94 -11.04
N GLU A 40 -16.53 -19.87 -11.81
CA GLU A 40 -15.39 -19.53 -12.67
C GLU A 40 -15.81 -18.61 -13.81
N ASN A 41 -17.12 -18.45 -14.00
CA ASN A 41 -17.68 -17.49 -14.96
C ASN A 41 -18.09 -16.17 -14.31
N GLY A 42 -17.84 -16.04 -13.02
CA GLY A 42 -18.20 -14.83 -12.29
C GLY A 42 -18.81 -15.16 -10.96
N LEU A 43 -18.39 -14.42 -9.91
CA LEU A 43 -18.88 -14.67 -8.56
C LEU A 43 -20.27 -14.08 -8.39
N PRO A 44 -21.19 -14.83 -7.75
CA PRO A 44 -22.59 -14.41 -7.66
C PRO A 44 -22.88 -13.32 -6.64
N ALA A 45 -22.15 -13.29 -5.53
CA ALA A 45 -22.41 -12.26 -4.50
C ALA A 45 -21.13 -11.79 -3.84
N PRO A 46 -20.23 -11.18 -4.63
CA PRO A 46 -18.90 -10.84 -4.13
C PRO A 46 -18.90 -9.61 -3.23
N VAL A 47 -17.84 -9.50 -2.44
CA VAL A 47 -17.49 -8.24 -1.78
C VAL A 47 -16.21 -7.75 -2.43
N SER A 48 -15.74 -6.57 -2.06
CA SER A 48 -14.52 -6.01 -2.64
C SER A 48 -13.31 -6.45 -1.83
N MET A 49 -12.19 -6.73 -2.49
CA MET A 49 -10.96 -7.12 -1.79
C MET A 49 -9.72 -6.51 -2.45
N PRO A 50 -8.91 -5.79 -1.66
CA PRO A 50 -7.67 -5.22 -2.20
C PRO A 50 -6.68 -6.29 -2.64
N VAL A 51 -6.00 -6.01 -3.75
CA VAL A 51 -4.91 -6.82 -4.26
C VAL A 51 -3.80 -5.87 -4.63
N PRO A 52 -2.60 -6.05 -4.09
CA PRO A 52 -2.15 -7.13 -3.19
C PRO A 52 -2.53 -6.87 -1.73
N SER A 53 -2.91 -7.94 -1.03
CA SER A 53 -3.16 -7.91 0.40
C SER A 53 -3.48 -9.30 0.89
N SER A 54 -3.27 -9.54 2.18
CA SER A 54 -3.88 -10.70 2.84
C SER A 54 -5.32 -10.31 3.17
N PHE A 55 -6.28 -11.22 3.04
CA PHE A 55 -7.66 -10.82 3.28
C PHE A 55 -8.04 -10.70 4.77
N ALA A 56 -7.29 -11.35 5.66
CA ALA A 56 -7.80 -11.61 7.01
C ALA A 56 -8.15 -10.38 7.84
N ASP A 57 -7.29 -9.37 7.85
CA ASP A 57 -7.41 -8.34 8.88
C ASP A 57 -8.30 -7.16 8.46
N PHE A 58 -8.92 -7.26 7.30
CA PHE A 58 -9.91 -6.23 6.93
C PHE A 58 -11.20 -6.35 7.72
N PHE A 59 -11.63 -7.58 7.97
CA PHE A 59 -12.96 -7.83 8.50
C PHE A 59 -13.09 -7.51 9.99
N THR A 60 -14.32 -7.33 10.45
CA THR A 60 -14.54 -7.03 11.86
C THR A 60 -15.13 -8.23 12.62
N ASP A 61 -15.30 -9.35 11.94
CA ASP A 61 -15.85 -10.55 12.57
C ASP A 61 -14.86 -11.71 12.54
N HIS A 62 -14.91 -12.55 13.59
CA HIS A 62 -13.95 -13.66 13.73
C HIS A 62 -13.99 -14.62 12.55
N LYS A 63 -15.18 -14.99 12.11
CA LYS A 63 -15.31 -16.08 11.14
C LYS A 63 -14.69 -15.74 9.79
N GLU A 64 -14.77 -14.48 9.38
CA GLU A 64 -14.14 -14.07 8.13
C GLU A 64 -12.62 -13.94 8.29
N ARG A 65 -12.16 -13.37 9.40
CA ARG A 65 -10.72 -13.29 9.67
C ARG A 65 -10.06 -14.66 9.67
N ASP A 66 -10.71 -15.61 10.35
CA ASP A 66 -10.16 -16.93 10.55
C ASP A 66 -10.55 -17.92 9.46
N TYR A 67 -11.12 -17.42 8.37
CA TYR A 67 -11.63 -18.31 7.32
C TYR A 67 -10.57 -19.27 6.80
N CYS A 68 -10.97 -20.54 6.67
CA CYS A 68 -10.07 -21.57 6.18
C CYS A 68 -10.84 -22.45 5.24
N GLY A 69 -10.32 -22.63 4.02
CA GLY A 69 -10.99 -23.41 3.00
C GLY A 69 -10.85 -22.76 1.64
N ASP A 70 -11.86 -22.96 0.79
CA ASP A 70 -11.88 -22.39 -0.56
C ASP A 70 -12.43 -20.97 -0.54
N PHE A 71 -11.82 -20.08 -1.34
CA PHE A 71 -12.35 -18.74 -1.51
C PHE A 71 -11.93 -18.24 -2.89
N TRP A 72 -12.65 -17.27 -3.43
CA TRP A 72 -12.51 -16.93 -4.85
C TRP A 72 -12.25 -15.45 -5.08
N TYR A 73 -11.40 -15.16 -6.06
CA TYR A 73 -11.14 -13.80 -6.54
C TYR A 73 -11.59 -13.65 -7.99
N GLU A 74 -12.00 -12.43 -8.35
CA GLU A 74 -12.35 -12.13 -9.74
C GLU A 74 -11.99 -10.70 -10.08
N THR A 75 -11.52 -10.47 -11.29
CA THR A 75 -11.48 -9.10 -11.80
C THR A 75 -11.61 -9.12 -13.31
N GLU A 76 -11.77 -7.92 -13.88
CA GLU A 76 -11.91 -7.74 -15.31
C GLU A 76 -10.86 -6.76 -15.78
N PHE A 77 -10.41 -6.92 -17.02
CA PHE A 77 -9.38 -6.04 -17.56
C PHE A 77 -9.55 -5.93 -19.07
N TYR A 78 -9.28 -4.75 -19.60
CA TYR A 78 -9.29 -4.54 -21.03
C TYR A 78 -7.92 -4.92 -21.61
N LEU A 79 -7.90 -5.78 -22.63
CA LEU A 79 -6.66 -6.11 -23.34
C LEU A 79 -6.54 -5.29 -24.59
N PRO A 80 -5.42 -4.54 -24.73
CA PRO A 80 -5.21 -3.75 -25.96
C PRO A 80 -5.21 -4.64 -27.19
N ALA A 81 -5.82 -4.15 -28.26
CA ALA A 81 -5.88 -4.90 -29.51
C ALA A 81 -4.47 -5.27 -30.00
N GLU A 82 -3.50 -4.39 -29.73
CA GLU A 82 -2.14 -4.59 -30.20
C GLU A 82 -1.46 -5.82 -29.57
N TRP A 83 -2.08 -6.43 -28.56
CA TRP A 83 -1.49 -7.62 -27.96
C TRP A 83 -1.82 -8.91 -28.72
N ARG A 84 -2.62 -8.82 -29.75
CA ARG A 84 -2.90 -9.97 -30.61
C ARG A 84 -1.61 -10.60 -31.16
N ASN A 85 -1.57 -11.91 -31.33
CA ASN A 85 -0.37 -12.57 -31.85
C ASN A 85 0.84 -12.46 -30.93
N LYS A 86 0.60 -12.12 -29.66
CA LYS A 86 1.65 -12.25 -28.65
C LYS A 86 1.30 -13.44 -27.78
N LYS A 87 2.28 -13.93 -27.04
CA LYS A 87 2.00 -14.89 -25.99
C LYS A 87 1.54 -14.10 -24.76
N ILE A 88 0.31 -14.34 -24.32
CA ILE A 88 -0.28 -13.53 -23.25
C ILE A 88 -0.41 -14.38 -21.99
N TRP A 89 0.10 -13.85 -20.88
CA TRP A 89 0.18 -14.58 -19.62
C TRP A 89 -0.40 -13.75 -18.49
N LEU A 90 -1.10 -14.42 -17.56
CA LEU A 90 -1.36 -13.84 -16.26
C LEU A 90 -0.19 -14.19 -15.36
N ARG A 91 0.31 -13.20 -14.63
CA ARG A 91 1.42 -13.46 -13.71
C ARG A 91 1.04 -12.99 -12.32
N PHE A 92 0.94 -13.94 -11.42
CA PHE A 92 0.68 -13.66 -10.01
C PHE A 92 2.00 -13.72 -9.25
N GLY A 93 2.30 -12.68 -8.47
CA GLY A 93 3.48 -12.74 -7.60
C GLY A 93 3.44 -13.97 -6.72
N SER A 94 2.23 -14.31 -6.27
CA SER A 94 1.97 -15.56 -5.57
C SER A 94 0.47 -15.76 -5.48
N ILE A 95 0.07 -16.97 -5.10
CA ILE A 95 -1.33 -17.33 -4.81
C ILE A 95 -1.27 -18.20 -3.58
N THR A 96 -1.80 -17.72 -2.47
CA THR A 96 -1.53 -18.35 -1.17
C THR A 96 -2.76 -19.09 -0.63
N HIS A 97 -2.72 -20.43 -0.47
CA HIS A 97 -1.55 -21.30 -0.62
C HIS A 97 -1.53 -22.05 -1.93
N ARG A 98 -2.71 -22.28 -2.49
CA ARG A 98 -2.82 -23.08 -3.70
C ARG A 98 -4.04 -22.59 -4.45
N GLY A 99 -4.05 -22.77 -5.76
CA GLY A 99 -5.17 -22.23 -6.50
C GLY A 99 -5.25 -22.72 -7.94
N THR A 100 -6.40 -22.44 -8.53
CA THR A 100 -6.62 -22.70 -9.95
C THR A 100 -7.04 -21.40 -10.61
N VAL A 101 -6.37 -21.07 -11.71
CA VAL A 101 -6.59 -19.82 -12.43
C VAL A 101 -7.52 -20.07 -13.61
N TYR A 102 -8.58 -19.28 -13.71
CA TYR A 102 -9.49 -19.31 -14.84
C TYR A 102 -9.43 -18.00 -15.60
N CYS A 103 -9.59 -18.06 -16.92
CA CYS A 103 -9.68 -16.83 -17.69
C CYS A 103 -10.75 -17.01 -18.76
N ASN A 104 -11.68 -16.05 -18.79
CA ASN A 104 -12.83 -16.11 -19.68
C ASN A 104 -13.55 -17.45 -19.56
N GLY A 105 -13.61 -17.94 -18.34
CA GLY A 105 -14.39 -19.14 -18.04
C GLY A 105 -13.65 -20.45 -18.24
N MET A 106 -12.41 -20.39 -18.72
CA MET A 106 -11.62 -21.58 -19.02
C MET A 106 -10.52 -21.82 -18.00
N GLU A 107 -10.36 -23.08 -17.59
CA GLU A 107 -9.30 -23.43 -16.66
C GLU A 107 -7.94 -23.34 -17.33
N ILE A 108 -7.03 -22.59 -16.73
CA ILE A 108 -5.72 -22.38 -17.34
C ILE A 108 -4.61 -23.17 -16.67
N THR A 109 -4.46 -22.99 -15.36
CA THR A 109 -3.40 -23.70 -14.65
C THR A 109 -3.72 -23.77 -13.17
N SER A 110 -3.01 -24.64 -12.45
CA SER A 110 -3.12 -24.74 -11.01
C SER A 110 -1.72 -24.69 -10.41
N HIS A 111 -1.62 -24.27 -9.16
CA HIS A 111 -0.32 -24.21 -8.51
C HIS A 111 -0.47 -24.49 -7.03
N GLU A 112 0.51 -25.22 -6.50
CA GLU A 112 0.61 -25.52 -5.08
C GLU A 112 1.87 -24.86 -4.53
N GLY A 113 1.71 -24.05 -3.50
CA GLY A 113 2.84 -23.31 -2.93
C GLY A 113 2.55 -21.82 -2.97
N GLY A 114 2.49 -21.20 -1.79
CA GLY A 114 1.90 -19.88 -1.68
C GLY A 114 2.84 -18.69 -1.69
N PHE A 115 4.11 -18.88 -2.04
CA PHE A 115 5.07 -17.80 -1.89
C PHE A 115 5.99 -17.60 -3.08
N LEU A 116 5.58 -18.14 -4.23
CA LEU A 116 6.34 -17.99 -5.46
C LEU A 116 5.40 -17.74 -6.64
N PRO A 117 5.90 -17.15 -7.73
CA PRO A 117 5.04 -16.74 -8.86
C PRO A 117 4.23 -17.87 -9.49
N VAL A 118 3.03 -17.52 -9.93
CA VAL A 118 2.18 -18.42 -10.68
C VAL A 118 1.99 -17.81 -12.07
N LEU A 119 2.33 -18.57 -13.10
CA LEU A 119 2.18 -18.12 -14.49
C LEU A 119 1.10 -18.91 -15.17
N ALA A 120 0.19 -18.20 -15.82
CA ALA A 120 -0.93 -18.83 -16.51
C ALA A 120 -0.99 -18.33 -17.95
N ASP A 121 -0.82 -19.26 -18.90
CA ASP A 121 -0.79 -18.91 -20.31
C ASP A 121 -2.21 -18.81 -20.86
N ILE A 122 -2.66 -17.57 -21.10
CA ILE A 122 -4.03 -17.35 -21.58
C ILE A 122 -4.05 -17.01 -23.07
N SER A 123 -2.96 -17.31 -23.76
CA SER A 123 -2.85 -16.99 -25.18
C SER A 123 -4.05 -17.48 -25.99
N THR A 124 -4.48 -18.72 -25.74
CA THR A 124 -5.55 -19.30 -26.55
C THR A 124 -6.96 -18.83 -26.17
N VAL A 125 -7.12 -18.21 -25.00
CA VAL A 125 -8.47 -17.78 -24.60
C VAL A 125 -8.60 -16.26 -24.45
N ALA A 126 -7.47 -15.57 -24.47
CA ALA A 126 -7.48 -14.10 -24.38
C ALA A 126 -8.23 -13.48 -25.55
N LYS A 127 -8.87 -12.34 -25.30
CA LYS A 127 -9.61 -11.60 -26.32
C LYS A 127 -9.06 -10.18 -26.44
N PRO A 128 -8.08 -9.98 -27.32
CA PRO A 128 -7.53 -8.64 -27.53
C PRO A 128 -8.60 -7.67 -28.03
N GLY A 129 -8.56 -6.43 -27.54
CA GLY A 129 -9.51 -5.41 -27.92
C GLY A 129 -10.87 -5.60 -27.27
N GLN A 130 -10.90 -6.38 -26.18
CA GLN A 130 -12.12 -6.59 -25.42
C GLN A 130 -11.85 -6.65 -23.93
N VAL A 131 -12.92 -6.56 -23.15
CA VAL A 131 -12.83 -6.85 -21.73
C VAL A 131 -12.69 -8.35 -21.51
N ASN A 132 -11.71 -8.72 -20.69
CA ASN A 132 -11.44 -10.11 -20.31
C ASN A 132 -11.68 -10.33 -18.81
N GLN A 133 -11.89 -11.58 -18.43
CA GLN A 133 -12.19 -11.91 -17.06
C GLN A 133 -11.17 -12.89 -16.50
N VAL A 134 -10.72 -12.66 -15.26
CA VAL A 134 -9.93 -13.66 -14.55
C VAL A 134 -10.63 -14.02 -13.25
N VAL A 135 -10.72 -15.32 -12.97
CA VAL A 135 -11.27 -15.80 -11.71
C VAL A 135 -10.28 -16.79 -11.15
N VAL A 136 -10.05 -16.71 -9.84
CA VAL A 136 -9.11 -17.61 -9.19
C VAL A 136 -9.78 -18.30 -8.02
N LYS A 137 -9.75 -19.63 -8.04
CA LYS A 137 -10.16 -20.41 -6.88
C LYS A 137 -8.93 -20.64 -6.03
N ILE A 138 -8.97 -20.21 -4.78
CA ILE A 138 -7.84 -20.34 -3.87
C ILE A 138 -8.23 -21.18 -2.66
N ASN A 139 -7.26 -21.88 -2.09
CA ASN A 139 -7.46 -22.62 -0.86
C ASN A 139 -6.30 -22.35 0.09
N ASN A 140 -6.58 -22.21 1.38
CA ASN A 140 -5.53 -21.82 2.32
C ASN A 140 -5.36 -22.82 3.45
N GLU A 141 -5.82 -24.06 3.23
CA GLU A 141 -5.68 -25.09 4.24
C GLU A 141 -4.21 -25.51 4.37
N LEU A 142 -3.89 -26.07 5.54
CA LEU A 142 -2.55 -26.59 5.77
C LEU A 142 -2.61 -28.10 5.89
N ASN A 143 -1.57 -28.77 5.39
CA ASN A 143 -1.51 -30.23 5.47
C ASN A 143 -0.06 -30.68 5.62
N GLU A 144 0.17 -31.98 5.51
CA GLU A 144 1.52 -32.48 5.73
C GLU A 144 2.22 -32.91 4.44
N THR A 145 1.66 -32.51 3.31
CA THR A 145 2.27 -32.88 2.02
C THR A 145 2.66 -31.67 1.19
N SER A 146 2.51 -30.48 1.77
CA SER A 146 2.90 -29.24 1.10
C SER A 146 3.44 -28.26 2.15
N LEU A 147 4.19 -27.26 1.70
CA LEU A 147 4.84 -26.30 2.60
C LEU A 147 4.10 -24.96 2.64
N PRO A 148 4.01 -24.33 3.83
CA PRO A 148 4.49 -24.79 5.14
C PRO A 148 3.48 -25.76 5.75
N CYS A 149 3.92 -26.66 6.61
CA CYS A 149 3.02 -27.73 7.07
C CYS A 149 2.10 -27.35 8.22
N GLY A 150 0.96 -28.02 8.26
CA GLY A 150 0.07 -27.86 9.39
C GLY A 150 -1.07 -28.83 9.24
N ALA A 151 -2.18 -28.52 9.93
CA ALA A 151 -3.37 -29.33 9.83
C ALA A 151 -4.59 -28.44 9.65
N THR A 152 -5.70 -29.06 9.35
CA THR A 152 -6.97 -28.39 9.30
C THR A 152 -7.90 -29.01 10.32
N LYS A 153 -8.45 -28.21 11.20
CA LYS A 153 -9.41 -28.71 12.16
C LYS A 153 -10.82 -28.39 11.70
N ILE A 154 -11.72 -29.36 11.87
CA ILE A 154 -13.11 -29.13 11.50
C ILE A 154 -13.95 -29.02 12.76
N LEU A 155 -14.54 -27.85 12.97
CA LEU A 155 -15.43 -27.65 14.11
C LEU A 155 -16.71 -28.42 13.84
N ASN A 156 -17.51 -28.66 14.88
CA ASN A 156 -18.63 -29.59 14.73
C ASN A 156 -19.64 -29.16 13.66
N ASN A 157 -19.76 -27.85 13.44
CA ASN A 157 -20.68 -27.31 12.45
C ASN A 157 -20.14 -27.28 11.02
N GLY A 158 -18.95 -27.85 10.82
CA GLY A 158 -18.35 -27.90 9.48
C GLY A 158 -17.35 -26.80 9.20
N ARG A 159 -17.30 -25.80 10.09
CA ARG A 159 -16.37 -24.69 9.91
C ARG A 159 -14.92 -25.16 10.04
N LYS A 160 -14.06 -24.76 9.12
CA LYS A 160 -12.65 -25.15 9.16
C LYS A 160 -11.79 -24.12 9.87
N LEU A 161 -10.75 -24.61 10.56
CA LEU A 161 -9.81 -23.74 11.23
C LEU A 161 -8.41 -24.23 10.89
N ALA A 162 -7.55 -23.33 10.45
CA ALA A 162 -6.17 -23.69 10.17
C ALA A 162 -5.41 -23.92 11.48
N LYS A 163 -4.62 -24.99 11.51
CA LYS A 163 -3.78 -25.28 12.66
C LYS A 163 -2.30 -25.38 12.24
N PRO A 164 -1.59 -24.23 12.26
CA PRO A 164 -0.21 -24.27 11.79
C PRO A 164 0.70 -25.10 12.69
N TYR A 165 1.71 -25.72 12.07
CA TYR A 165 2.83 -26.28 12.82
C TYR A 165 3.98 -25.28 12.86
N PHE A 166 3.66 -24.02 12.57
CA PHE A 166 4.66 -22.94 12.53
C PHE A 166 4.15 -21.70 13.27
N ASP A 167 5.09 -20.86 13.70
CA ASP A 167 4.78 -19.70 14.53
C ASP A 167 4.56 -18.43 13.71
N PHE A 168 3.63 -18.48 12.75
CA PHE A 168 3.21 -17.23 12.10
C PHE A 168 1.79 -17.41 11.60
N PHE A 169 1.04 -16.30 11.56
CA PHE A 169 -0.38 -16.35 11.24
C PHE A 169 -0.60 -16.87 9.82
N ASN A 170 -1.67 -17.65 9.63
CA ASN A 170 -1.93 -18.21 8.32
C ASN A 170 -2.58 -17.20 7.37
N TYR A 171 -1.85 -16.14 7.05
CA TYR A 171 -2.32 -15.15 6.08
C TYR A 171 -2.37 -15.79 4.69
N SER A 172 -3.35 -15.37 3.90
CA SER A 172 -3.53 -15.96 2.58
C SER A 172 -4.32 -15.04 1.67
N GLY A 173 -4.50 -15.45 0.42
CA GLY A 173 -5.15 -14.61 -0.57
C GLY A 173 -4.19 -14.28 -1.70
N LEU A 174 -4.42 -13.15 -2.37
CA LEU A 174 -3.52 -12.63 -3.40
C LEU A 174 -2.66 -11.54 -2.77
N GLN A 175 -1.54 -11.95 -2.19
CA GLN A 175 -0.72 -11.09 -1.33
C GLN A 175 0.33 -10.30 -2.10
N ARG A 176 0.46 -10.57 -3.38
CA ARG A 176 1.45 -9.89 -4.20
C ARG A 176 0.83 -9.33 -5.48
N SER A 177 1.62 -8.56 -6.22
CA SER A 177 1.08 -7.91 -7.40
C SER A 177 0.70 -8.92 -8.49
N VAL A 178 -0.28 -8.54 -9.29
CA VAL A 178 -0.75 -9.37 -10.38
C VAL A 178 -0.64 -8.56 -11.66
N TRP A 179 -0.12 -9.18 -12.72
CA TRP A 179 0.02 -8.55 -14.03
C TRP A 179 -0.63 -9.39 -15.11
N VAL A 180 -1.03 -8.74 -16.19
CA VAL A 180 -1.21 -9.47 -17.44
C VAL A 180 -0.11 -8.96 -18.35
N ILE A 181 0.60 -9.90 -19.00
CA ILE A 181 1.77 -9.52 -19.79
C ILE A 181 1.69 -10.14 -21.18
N ALA A 182 2.46 -9.56 -22.11
CA ALA A 182 2.51 -10.08 -23.46
C ALA A 182 3.98 -10.23 -23.85
N LEU A 183 4.32 -11.42 -24.34
CA LEU A 183 5.69 -11.74 -24.73
C LEU A 183 5.73 -12.05 -26.22
N PRO A 184 6.91 -11.87 -26.83
CA PRO A 184 7.06 -12.30 -28.23
C PRO A 184 6.92 -13.81 -28.33
N GLU A 185 6.56 -14.28 -29.52
CA GLU A 185 6.33 -15.70 -29.76
C GLU A 185 7.59 -16.52 -29.53
N GLU A 186 8.75 -15.92 -29.78
CA GLU A 186 10.01 -16.54 -29.40
C GLU A 186 10.65 -15.63 -28.36
N SER A 187 10.81 -16.12 -27.14
CA SER A 187 11.24 -15.24 -26.05
C SER A 187 12.34 -15.83 -25.18
N VAL A 188 13.02 -14.95 -24.46
CA VAL A 188 13.95 -15.34 -23.42
C VAL A 188 13.15 -15.87 -22.22
N LYS A 189 13.35 -17.13 -21.89
CA LYS A 189 12.60 -17.81 -20.84
C LYS A 189 13.33 -17.84 -19.50
N ASP A 190 14.64 -18.00 -19.57
CA ASP A 190 15.49 -18.09 -18.38
C ASP A 190 16.89 -17.69 -18.76
N TYR A 191 17.68 -17.26 -17.77
CA TYR A 191 19.12 -17.16 -17.96
C TYR A 191 19.78 -17.33 -16.59
N SER A 192 21.07 -17.64 -16.62
CA SER A 192 21.84 -17.78 -15.39
C SER A 192 23.18 -17.11 -15.56
N VAL A 193 23.66 -16.44 -14.51
CA VAL A 193 25.02 -15.93 -14.50
C VAL A 193 25.84 -16.49 -13.35
N ASP A 194 27.14 -16.61 -13.57
CA ASP A 194 28.09 -17.07 -12.56
C ASP A 194 29.36 -16.25 -12.74
N TYR A 195 30.03 -15.90 -11.65
CA TYR A 195 31.13 -14.94 -11.73
C TYR A 195 32.47 -15.56 -11.38
N GLU A 196 33.51 -15.08 -12.05
CA GLU A 196 34.87 -15.44 -11.67
C GLU A 196 35.71 -14.16 -11.62
N LEU A 197 36.51 -14.01 -10.57
CA LEU A 197 37.36 -12.82 -10.44
C LEU A 197 38.77 -13.14 -10.91
N CYS A 198 39.32 -12.28 -11.78
CA CYS A 198 40.65 -12.50 -12.34
C CYS A 198 41.47 -11.23 -12.23
N GLY A 199 42.14 -11.07 -11.10
CA GLY A 199 42.83 -9.83 -10.81
C GLY A 199 41.83 -8.70 -10.68
N THR A 200 42.02 -7.66 -11.48
CA THR A 200 41.11 -6.52 -11.48
C THR A 200 39.99 -6.71 -12.51
N ASP A 201 40.03 -7.83 -13.22
CA ASP A 201 39.01 -8.12 -14.22
C ASP A 201 38.03 -9.16 -13.71
N ALA A 202 36.94 -9.36 -14.44
CA ALA A 202 35.97 -10.38 -14.06
C ALA A 202 35.41 -11.09 -15.29
N LEU A 203 34.96 -12.32 -15.08
CA LEU A 203 34.27 -13.08 -16.11
C LEU A 203 32.84 -13.30 -15.68
N VAL A 204 31.91 -13.03 -16.59
CA VAL A 204 30.51 -13.34 -16.33
C VAL A 204 30.12 -14.51 -17.22
N LYS A 205 30.10 -15.70 -16.64
CA LYS A 205 29.70 -16.90 -17.36
C LYS A 205 28.18 -16.94 -17.40
N TYR A 206 27.60 -17.29 -18.54
CA TYR A 206 26.14 -17.27 -18.64
C TYR A 206 25.59 -18.43 -19.46
N GLU A 207 24.32 -18.72 -19.21
CA GLU A 207 23.51 -19.59 -20.06
C GLU A 207 22.18 -18.90 -20.27
N VAL A 208 21.63 -19.03 -21.47
CA VAL A 208 20.31 -18.48 -21.80
C VAL A 208 19.41 -19.58 -22.35
N VAL A 209 18.18 -19.61 -21.86
CA VAL A 209 17.18 -20.53 -22.40
C VAL A 209 16.07 -19.73 -23.08
N THR A 210 15.77 -20.06 -24.33
CA THR A 210 14.71 -19.37 -25.05
C THR A 210 13.64 -20.35 -25.50
N THR A 211 12.56 -19.83 -26.09
CA THR A 211 11.50 -20.70 -26.58
C THR A 211 11.61 -20.96 -28.08
N GLY A 212 12.79 -20.72 -28.65
CA GLY A 212 13.04 -20.97 -30.07
C GLY A 212 14.49 -21.29 -30.35
N GLU A 213 14.87 -21.19 -31.63
CA GLU A 213 16.20 -21.62 -32.06
C GLU A 213 17.04 -20.48 -32.64
N HIS A 214 16.49 -19.27 -32.69
CA HIS A 214 17.26 -18.17 -33.27
C HIS A 214 18.45 -17.76 -32.41
N PRO A 215 19.44 -17.11 -33.02
CA PRO A 215 20.65 -16.67 -32.35
C PRO A 215 20.39 -15.73 -31.18
N VAL A 216 21.27 -15.83 -30.19
CA VAL A 216 21.24 -14.97 -29.01
C VAL A 216 22.50 -14.13 -28.92
N ILE A 217 22.32 -12.86 -28.61
CA ILE A 217 23.43 -11.95 -28.33
C ILE A 217 23.27 -11.49 -26.90
N VAL A 218 24.37 -11.45 -26.16
CA VAL A 218 24.34 -10.98 -24.78
C VAL A 218 25.28 -9.79 -24.63
N ARG A 219 24.76 -8.71 -24.07
CA ARG A 219 25.52 -7.51 -23.83
C ARG A 219 25.53 -7.22 -22.34
N LEU A 220 26.62 -6.62 -21.86
CA LEU A 220 26.66 -6.13 -20.49
C LEU A 220 26.92 -4.62 -20.51
N LEU A 221 26.06 -3.86 -19.83
CA LEU A 221 26.20 -2.42 -19.71
C LEU A 221 26.61 -2.04 -18.30
N ASP A 222 27.45 -1.02 -18.12
CA ASP A 222 27.77 -0.58 -16.77
C ASP A 222 26.65 0.30 -16.20
N ALA A 223 26.87 0.86 -15.01
CA ALA A 223 25.80 1.58 -14.33
C ALA A 223 25.39 2.86 -15.05
N GLU A 224 26.18 3.27 -16.04
CA GLU A 224 25.87 4.47 -16.81
C GLU A 224 25.30 4.11 -18.18
N GLY A 225 25.14 2.82 -18.44
CA GLY A 225 24.53 2.35 -19.66
C GLY A 225 25.51 2.17 -20.81
N GLU A 226 26.80 2.19 -20.48
CA GLU A 226 27.82 2.02 -21.50
C GLU A 226 28.20 0.55 -21.66
N LEU A 227 28.40 0.15 -22.91
CA LEU A 227 28.72 -1.24 -23.24
C LEU A 227 30.10 -1.64 -22.72
N VAL A 228 30.17 -2.69 -21.91
CA VAL A 228 31.48 -3.15 -21.42
C VAL A 228 31.84 -4.54 -21.92
N ALA A 229 30.86 -5.29 -22.41
CA ALA A 229 31.11 -6.63 -22.95
C ALA A 229 29.97 -7.07 -23.85
N GLU A 230 30.28 -7.93 -24.79
CA GLU A 230 29.28 -8.44 -25.74
C GLU A 230 29.77 -9.76 -26.30
N THR A 231 28.88 -10.74 -26.35
CA THR A 231 29.22 -12.00 -26.99
C THR A 231 27.98 -12.61 -27.61
N GLU A 232 28.19 -13.69 -28.36
CA GLU A 232 27.11 -14.37 -29.06
C GLU A 232 26.98 -15.80 -28.57
N GLY A 233 25.75 -16.28 -28.51
CA GLY A 233 25.48 -17.66 -28.17
C GLY A 233 24.65 -17.80 -26.91
N LYS A 234 23.92 -18.91 -26.82
CA LYS A 234 23.12 -19.19 -25.63
C LYS A 234 23.98 -19.56 -24.43
N GLU A 235 25.24 -19.90 -24.67
CA GLU A 235 26.21 -20.07 -23.59
C GLU A 235 27.46 -19.29 -23.95
N GLY A 236 28.05 -18.63 -22.97
CA GLY A 236 29.22 -17.83 -23.27
C GLY A 236 29.81 -17.19 -22.03
N ILE A 237 30.83 -16.37 -22.27
CA ILE A 237 31.51 -15.68 -21.19
C ILE A 237 31.69 -14.22 -21.59
N LEU A 238 31.26 -13.33 -20.70
CA LEU A 238 31.48 -11.90 -20.88
C LEU A 238 32.75 -11.50 -20.14
N GLN A 239 33.69 -10.87 -20.82
CA GLN A 239 34.92 -10.41 -20.18
C GLN A 239 34.80 -8.95 -19.78
N VAL A 240 34.94 -8.68 -18.48
CA VAL A 240 34.80 -7.33 -17.99
C VAL A 240 36.13 -6.80 -17.46
N ALA A 241 36.69 -5.83 -18.16
CA ALA A 241 37.95 -5.22 -17.73
C ALA A 241 37.67 -4.27 -16.57
N ASN A 242 38.54 -4.31 -15.57
CA ASN A 242 38.48 -3.40 -14.43
C ASN A 242 37.09 -3.38 -13.83
N ALA A 243 36.57 -4.57 -13.57
CA ALA A 243 35.20 -4.74 -13.10
C ALA A 243 34.97 -3.99 -11.80
N ARG A 244 33.80 -3.36 -11.68
CA ARG A 244 33.40 -2.72 -10.42
C ARG A 244 32.53 -3.72 -9.66
N LEU A 245 33.11 -4.31 -8.64
CA LEU A 245 32.43 -5.41 -7.96
C LEU A 245 31.29 -4.89 -7.12
N TRP A 246 30.27 -5.73 -7.02
CA TRP A 246 29.16 -5.52 -6.07
C TRP A 246 29.69 -5.86 -4.67
N GLU A 247 29.66 -4.90 -3.76
CA GLU A 247 30.24 -5.10 -2.41
C GLU A 247 29.19 -4.94 -1.32
N VAL A 248 29.43 -5.54 -0.17
CA VAL A 248 28.50 -5.44 0.94
C VAL A 248 28.25 -3.99 1.33
N ARG A 249 26.98 -3.61 1.40
CA ARG A 249 26.55 -2.24 1.71
C ARG A 249 27.24 -1.22 0.79
N ASN A 250 27.64 -1.67 -0.39
CA ASN A 250 28.27 -0.79 -1.36
C ASN A 250 28.08 -1.36 -2.76
N ALA A 251 26.83 -1.39 -3.20
CA ALA A 251 26.45 -2.07 -4.43
C ALA A 251 26.96 -1.36 -5.65
N TYR A 252 27.18 -2.15 -6.69
CA TYR A 252 27.32 -1.65 -8.03
C TYR A 252 26.60 -2.64 -8.93
N LEU A 253 25.75 -2.15 -9.81
CA LEU A 253 24.95 -3.02 -10.65
C LEU A 253 25.21 -2.78 -12.13
N TYR A 254 25.60 -3.86 -12.82
CA TYR A 254 25.63 -3.84 -14.27
C TYR A 254 24.26 -4.18 -14.78
N GLN A 255 24.06 -4.01 -16.08
CA GLN A 255 22.80 -4.40 -16.67
C GLN A 255 23.07 -5.42 -17.75
N ILE A 256 22.52 -6.62 -17.62
CA ILE A 256 22.65 -7.61 -18.67
C ILE A 256 21.50 -7.41 -19.66
N VAL A 257 21.82 -7.53 -20.95
CA VAL A 257 20.86 -7.36 -22.02
C VAL A 257 20.93 -8.59 -22.90
N ILE A 258 19.81 -9.30 -23.00
CA ILE A 258 19.77 -10.54 -23.76
C ILE A 258 18.86 -10.36 -24.98
N LEU A 259 19.44 -10.51 -26.17
CA LEU A 259 18.70 -10.31 -27.41
C LEU A 259 18.54 -11.61 -28.17
N ILE A 260 17.36 -11.83 -28.72
CA ILE A 260 17.16 -12.88 -29.73
C ILE A 260 17.04 -12.20 -31.06
N THR A 261 17.73 -12.68 -32.09
CA THR A 261 17.70 -12.03 -33.38
C THR A 261 17.38 -12.96 -34.50
N ASP A 262 16.83 -12.43 -35.58
CA ASP A 262 16.81 -13.18 -36.83
C ASP A 262 17.46 -12.32 -37.92
N GLY A 263 17.29 -12.71 -39.18
CA GLY A 263 17.95 -12.02 -40.27
C GLY A 263 17.47 -10.59 -40.44
N ASN A 264 16.30 -10.27 -39.89
CA ASN A 264 15.76 -8.93 -40.06
C ASN A 264 15.74 -8.10 -38.79
N GLY A 265 16.36 -8.60 -37.72
CA GLY A 265 16.46 -7.82 -36.51
C GLY A 265 16.14 -8.56 -35.23
N VAL A 266 15.91 -7.78 -34.18
CA VAL A 266 15.69 -8.31 -32.85
C VAL A 266 14.28 -8.84 -32.70
N LEU A 267 14.16 -10.00 -32.07
CA LEU A 267 12.87 -10.63 -31.81
C LEU A 267 12.42 -10.42 -30.35
N ASP A 268 13.37 -10.39 -29.44
CA ASP A 268 13.06 -10.20 -28.02
C ASP A 268 14.26 -9.54 -27.37
N GLU A 269 14.00 -8.80 -26.31
CA GLU A 269 15.05 -8.19 -25.51
C GLU A 269 14.66 -8.32 -24.06
N TYR A 270 15.52 -8.96 -23.26
CA TYR A 270 15.31 -8.99 -21.82
C TYR A 270 16.48 -8.29 -21.14
N ARG A 271 16.20 -7.44 -20.17
CA ARG A 271 17.29 -6.80 -19.43
C ARG A 271 17.01 -6.78 -17.93
N GLU A 272 18.09 -6.92 -17.17
CA GLU A 272 17.98 -7.01 -15.72
C GLU A 272 19.28 -6.53 -15.09
N LYS A 273 19.20 -5.92 -13.92
CA LYS A 273 20.41 -5.51 -13.21
C LYS A 273 20.99 -6.69 -12.46
N ILE A 274 22.31 -6.85 -12.59
CA ILE A 274 23.03 -7.89 -11.86
C ILE A 274 24.28 -7.30 -11.23
N GLY A 275 24.88 -8.01 -10.28
CA GLY A 275 26.06 -7.51 -9.60
C GLY A 275 27.16 -8.55 -9.61
N ILE A 276 28.35 -8.13 -10.03
CA ILE A 276 29.49 -9.04 -10.10
C ILE A 276 30.06 -9.27 -8.70
N ARG A 277 29.92 -10.49 -8.20
CA ARG A 277 30.42 -10.82 -6.87
C ARG A 277 30.55 -12.33 -6.71
N THR A 278 31.53 -12.73 -5.92
CA THR A 278 31.69 -14.15 -5.62
C THR A 278 31.40 -14.42 -4.15
N VAL A 279 30.85 -15.61 -3.90
CA VAL A 279 30.60 -16.07 -2.54
C VAL A 279 31.19 -17.45 -2.39
N ARG A 280 31.97 -17.67 -1.35
CA ARG A 280 32.58 -18.96 -1.13
C ARG A 280 32.77 -19.20 0.36
N ILE A 281 32.71 -20.46 0.77
CA ILE A 281 33.06 -20.81 2.14
C ILE A 281 34.48 -21.35 2.11
N GLU A 282 35.31 -20.84 3.01
CA GLU A 282 36.68 -21.32 3.12
C GLU A 282 37.00 -21.53 4.59
N GLY A 283 37.11 -22.78 5.00
CA GLY A 283 37.23 -23.08 6.42
C GLY A 283 36.03 -22.49 7.15
N THR A 284 36.29 -21.75 8.23
CA THR A 284 35.20 -21.18 9.02
C THR A 284 34.81 -19.79 8.57
N LYS A 285 35.31 -19.37 7.41
CA LYS A 285 35.03 -18.03 6.89
C LYS A 285 34.02 -18.03 5.75
N ILE A 286 33.15 -17.03 5.76
CA ILE A 286 32.31 -16.73 4.62
C ILE A 286 33.01 -15.65 3.81
N LEU A 287 33.35 -15.95 2.56
CA LEU A 287 34.11 -15.00 1.74
C LEU A 287 33.25 -14.35 0.68
N LEU A 288 33.22 -13.03 0.68
CA LEU A 288 32.56 -12.28 -0.36
C LEU A 288 33.61 -11.52 -1.15
N ASN A 289 33.70 -11.79 -2.45
CA ASN A 289 34.80 -11.24 -3.25
C ASN A 289 36.17 -11.51 -2.58
N ASP A 290 36.34 -12.74 -2.12
CA ASP A 290 37.62 -13.19 -1.57
C ASP A 290 38.00 -12.57 -0.22
N ARG A 291 37.06 -11.88 0.43
CA ARG A 291 37.33 -11.30 1.75
C ARG A 291 36.29 -11.78 2.75
N PRO A 292 36.72 -12.07 3.98
CA PRO A 292 35.75 -12.53 4.99
C PRO A 292 34.67 -11.49 5.27
N VAL A 293 33.44 -11.97 5.42
CA VAL A 293 32.36 -11.10 5.85
C VAL A 293 31.67 -11.75 7.04
N TYR A 294 31.30 -10.94 8.03
CA TYR A 294 30.56 -11.42 9.19
C TYR A 294 29.13 -10.94 9.05
N LEU A 295 28.18 -11.87 9.04
CA LEU A 295 26.78 -11.50 8.82
C LEU A 295 26.17 -10.82 10.04
N LYS A 296 25.49 -9.70 9.79
CA LYS A 296 24.89 -8.92 10.85
C LYS A 296 23.49 -8.53 10.41
N GLY A 297 22.45 -8.99 11.13
CA GLY A 297 21.11 -8.61 10.72
C GLY A 297 20.00 -9.36 11.43
N PHE A 298 18.99 -9.73 10.65
CA PHE A 298 17.74 -10.24 11.22
C PHE A 298 17.10 -11.31 10.37
N GLY A 299 16.28 -12.14 11.01
CA GLY A 299 15.20 -12.79 10.29
C GLY A 299 14.08 -11.78 10.22
N LYS A 300 13.36 -11.74 9.11
CA LYS A 300 12.21 -10.86 8.98
C LYS A 300 10.93 -11.67 8.78
N HIS A 301 9.87 -10.99 8.34
CA HIS A 301 8.65 -11.63 7.87
C HIS A 301 8.08 -10.66 6.85
N GLU A 302 7.20 -11.13 5.99
CA GLU A 302 6.34 -10.21 5.23
C GLU A 302 5.10 -10.00 6.07
N ASP A 303 5.09 -8.90 6.82
CA ASP A 303 4.09 -8.68 7.86
C ASP A 303 3.98 -7.20 8.21
N PHE A 304 2.76 -6.69 8.19
CA PHE A 304 2.54 -5.25 8.41
C PHE A 304 1.08 -5.07 8.82
N PRO A 305 0.79 -4.03 9.64
CA PRO A 305 -0.60 -3.84 10.07
C PRO A 305 -1.60 -3.75 8.90
N ILE A 306 -2.71 -4.47 9.08
CA ILE A 306 -3.85 -4.51 8.16
C ILE A 306 -3.57 -5.25 6.84
N LEU A 307 -2.47 -4.92 6.18
CA LEU A 307 -2.12 -5.54 4.90
C LEU A 307 -1.69 -7.00 5.04
N GLY A 308 -1.30 -7.41 6.24
CA GLY A 308 -0.82 -8.77 6.45
C GLY A 308 0.52 -8.98 5.75
N ARG A 309 0.56 -9.90 4.80
CA ARG A 309 1.78 -10.11 4.01
C ARG A 309 1.72 -9.35 2.69
N GLY A 310 0.71 -8.51 2.54
CA GLY A 310 0.54 -7.78 1.29
C GLY A 310 1.77 -6.95 0.94
N PHE A 311 2.21 -7.05 -0.31
CA PHE A 311 3.37 -6.29 -0.73
C PHE A 311 3.11 -4.79 -0.84
N HIS A 312 4.06 -3.99 -0.35
CA HIS A 312 4.04 -2.54 -0.56
C HIS A 312 5.47 -2.02 -0.53
N TRP A 313 5.83 -1.22 -1.53
CA TRP A 313 7.18 -0.65 -1.56
C TRP A 313 7.50 0.21 -0.32
N GLY A 314 6.46 0.77 0.29
CA GLY A 314 6.63 1.58 1.50
C GLY A 314 7.18 0.77 2.66
N ILE A 315 6.73 -0.47 2.78
CA ILE A 315 7.26 -1.35 3.80
C ILE A 315 8.73 -1.68 3.51
N VAL A 316 9.04 -1.96 2.25
CA VAL A 316 10.42 -2.18 1.85
C VAL A 316 11.28 -0.98 2.25
N LYS A 317 10.83 0.22 1.89
CA LYS A 317 11.64 1.42 2.12
C LYS A 317 11.86 1.65 3.63
N ARG A 318 10.79 1.59 4.43
CA ARG A 318 10.97 1.80 5.87
C ARG A 318 11.90 0.74 6.45
N ASP A 319 11.70 -0.52 6.07
CA ASP A 319 12.47 -1.59 6.68
C ASP A 319 13.94 -1.47 6.32
N PHE A 320 14.25 -1.11 5.08
CA PHE A 320 15.66 -0.94 4.73
C PHE A 320 16.29 0.27 5.40
N GLU A 321 15.52 1.35 5.61
CA GLU A 321 16.07 2.48 6.35
C GLU A 321 16.39 2.08 7.79
N CYS A 322 15.53 1.27 8.40
CA CYS A 322 15.77 0.75 9.75
C CYS A 322 16.98 -0.19 9.77
N LEU A 323 17.06 -1.07 8.78
CA LEU A 323 18.21 -1.97 8.69
C LEU A 323 19.51 -1.19 8.60
N LYS A 324 19.56 -0.20 7.72
CA LYS A 324 20.77 0.59 7.59
C LYS A 324 21.11 1.33 8.88
N TRP A 325 20.08 1.83 9.57
CA TRP A 325 20.29 2.54 10.83
C TRP A 325 20.90 1.60 11.89
N THR A 326 20.53 0.32 11.89
CA THR A 326 21.19 -0.62 12.80
C THR A 326 22.60 -1.04 12.39
N ASN A 327 23.03 -0.66 11.18
CA ASN A 327 24.32 -1.08 10.62
C ASN A 327 24.34 -2.56 10.23
N ALA A 328 23.16 -3.11 9.96
CA ALA A 328 23.02 -4.47 9.47
C ALA A 328 23.57 -4.59 8.07
N ASN A 329 23.92 -5.81 7.66
CA ASN A 329 24.27 -6.10 6.27
C ASN A 329 23.55 -7.31 5.69
N CYS A 330 22.65 -7.93 6.45
CA CYS A 330 22.07 -9.21 6.04
C CYS A 330 20.67 -9.45 6.57
N PHE A 331 19.81 -10.09 5.78
CA PHE A 331 18.65 -10.72 6.39
C PHE A 331 18.35 -12.07 5.76
N ARG A 332 17.64 -12.90 6.51
CA ARG A 332 17.12 -14.18 6.01
C ARG A 332 15.65 -14.01 5.67
N THR A 333 15.19 -14.63 4.58
CA THR A 333 13.76 -14.54 4.23
C THR A 333 12.98 -15.61 5.00
N SER A 334 13.06 -15.53 6.31
CA SER A 334 12.26 -16.38 7.17
C SER A 334 10.77 -16.14 6.94
N HIS A 335 9.95 -17.18 6.74
CA HIS A 335 10.33 -18.57 6.46
C HIS A 335 9.73 -18.99 5.13
N TYR A 336 10.00 -18.21 4.09
CA TYR A 336 9.39 -18.39 2.77
C TYR A 336 10.03 -17.35 1.87
N PRO A 337 10.10 -17.63 0.56
CA PRO A 337 10.61 -16.59 -0.34
C PRO A 337 9.73 -15.36 -0.26
N TYR A 338 10.34 -14.18 -0.29
CA TYR A 338 9.56 -12.94 -0.23
C TYR A 338 9.19 -12.44 -1.62
N ALA A 339 8.41 -11.36 -1.66
CA ALA A 339 8.12 -10.72 -2.92
C ALA A 339 9.43 -10.33 -3.58
N GLU A 340 9.45 -10.39 -4.91
CA GLU A 340 10.68 -10.20 -5.66
C GLU A 340 11.33 -8.85 -5.41
N GLU A 341 10.50 -7.85 -5.14
CA GLU A 341 10.99 -6.49 -4.90
C GLU A 341 11.95 -6.38 -3.72
N TRP A 342 11.80 -7.24 -2.70
CA TRP A 342 12.74 -7.23 -1.57
C TRP A 342 14.17 -7.50 -2.03
N TYR A 343 14.29 -8.41 -2.98
CA TYR A 343 15.61 -8.80 -3.49
C TYR A 343 16.16 -7.74 -4.44
N GLN A 344 15.28 -7.17 -5.27
CA GLN A 344 15.66 -6.05 -6.13
C GLN A 344 16.26 -4.93 -5.29
N PHE A 345 15.63 -4.66 -4.16
CA PHE A 345 16.08 -3.54 -3.34
C PHE A 345 17.35 -3.90 -2.58
N ALA A 346 17.45 -5.14 -2.11
CA ALA A 346 18.69 -5.59 -1.49
C ALA A 346 19.86 -5.45 -2.46
N ASP A 347 19.63 -5.77 -3.72
CA ASP A 347 20.66 -5.63 -4.75
C ASP A 347 21.14 -4.18 -4.82
N GLU A 348 20.20 -3.25 -4.76
CA GLU A 348 20.54 -1.82 -4.87
C GLU A 348 21.28 -1.30 -3.65
N GLU A 349 20.94 -1.85 -2.49
CA GLU A 349 21.48 -1.35 -1.21
C GLU A 349 22.64 -2.18 -0.67
N GLY A 350 23.03 -3.22 -1.39
CA GLY A 350 24.16 -4.03 -0.98
C GLY A 350 23.91 -4.90 0.23
N PHE A 351 22.66 -5.32 0.43
CA PHE A 351 22.35 -6.27 1.49
C PHE A 351 22.51 -7.70 1.03
N LEU A 352 22.94 -8.55 1.98
CA LEU A 352 23.12 -9.98 1.77
C LEU A 352 21.86 -10.71 2.18
N ILE A 353 21.43 -11.68 1.37
CA ILE A 353 20.22 -12.43 1.67
C ILE A 353 20.49 -13.91 1.74
N ILE A 354 19.97 -14.52 2.79
CA ILE A 354 19.82 -15.97 2.85
C ILE A 354 18.38 -16.25 2.45
N ASP A 355 18.21 -16.90 1.30
CA ASP A 355 16.89 -17.09 0.68
C ASP A 355 16.32 -18.43 1.14
N GLU A 356 15.17 -18.41 1.81
CA GLU A 356 14.66 -19.61 2.49
C GLU A 356 13.34 -20.12 1.91
N VAL A 357 13.31 -21.42 1.61
CA VAL A 357 12.11 -22.11 1.14
C VAL A 357 11.16 -22.36 2.33
N PRO A 358 9.84 -22.50 2.10
CA PRO A 358 8.94 -22.54 3.27
C PRO A 358 8.90 -23.88 4.01
N ALA A 359 10.08 -24.50 4.13
CA ALA A 359 10.19 -25.80 4.78
C ALA A 359 10.20 -25.65 6.29
N VAL A 360 9.05 -25.33 6.84
CA VAL A 360 8.89 -25.13 8.26
C VAL A 360 7.67 -25.91 8.70
N GLY A 361 7.70 -26.45 9.92
CA GLY A 361 6.61 -27.23 10.47
C GLY A 361 6.63 -28.69 10.05
N MET A 362 7.75 -29.14 9.49
CA MET A 362 7.82 -30.46 8.90
C MET A 362 7.73 -31.59 9.91
N MET A 363 6.89 -32.58 9.62
CA MET A 363 6.71 -33.72 10.50
C MET A 363 7.12 -33.38 11.93
N THR A 385 3.08 -40.19 3.08
CA THR A 385 2.91 -38.76 2.81
C THR A 385 4.27 -38.08 2.63
N VAL A 386 5.32 -38.74 3.07
CA VAL A 386 6.68 -38.18 2.96
C VAL A 386 7.11 -37.98 1.51
N PRO A 387 6.87 -38.97 0.63
CA PRO A 387 7.21 -38.78 -0.78
C PRO A 387 6.51 -37.58 -1.42
N GLU A 388 5.25 -37.37 -1.07
CA GLU A 388 4.52 -36.21 -1.58
C GLU A 388 5.11 -34.91 -1.02
N LEU A 389 5.45 -34.93 0.27
CA LEU A 389 6.06 -33.75 0.88
C LEU A 389 7.41 -33.42 0.22
N LEU A 390 8.21 -34.46 -0.03
CA LEU A 390 9.50 -34.26 -0.68
C LEU A 390 9.33 -33.64 -2.06
N LYS A 391 8.35 -34.13 -2.81
CA LYS A 391 8.06 -33.57 -4.14
C LYS A 391 7.72 -32.09 -4.05
N SER A 392 6.89 -31.72 -3.08
CA SER A 392 6.52 -30.32 -2.90
C SER A 392 7.73 -29.48 -2.52
N HIS A 393 8.53 -30.01 -1.60
CA HIS A 393 9.72 -29.35 -1.09
C HIS A 393 10.68 -29.08 -2.25
N ILE A 394 10.94 -30.11 -3.06
CA ILE A 394 11.83 -29.95 -4.19
C ILE A 394 11.27 -28.96 -5.23
N ALA A 395 9.96 -29.01 -5.49
CA ALA A 395 9.37 -28.07 -6.45
C ALA A 395 9.54 -26.62 -5.99
N ASP A 396 9.28 -26.36 -4.70
CA ASP A 396 9.44 -25.01 -4.17
C ASP A 396 10.89 -24.56 -4.27
N THR A 397 11.82 -25.49 -4.02
CA THR A 397 13.24 -25.21 -4.10
C THR A 397 13.64 -24.83 -5.53
N GLU A 398 13.18 -25.60 -6.50
CA GLU A 398 13.44 -25.33 -7.91
C GLU A 398 12.91 -23.96 -8.31
N GLU A 399 11.69 -23.66 -7.88
CA GLU A 399 11.07 -22.39 -8.25
C GLU A 399 11.78 -21.21 -7.60
N MET A 400 12.10 -21.34 -6.30
CA MET A 400 12.82 -20.28 -5.60
C MET A 400 14.15 -19.97 -6.27
N ILE A 401 14.94 -21.01 -6.52
CA ILE A 401 16.26 -20.82 -7.09
C ILE A 401 16.19 -20.28 -8.51
N THR A 402 15.27 -20.80 -9.31
CA THR A 402 15.12 -20.30 -10.67
C THR A 402 14.70 -18.83 -10.65
N ARG A 403 13.85 -18.44 -9.70
CA ARG A 403 13.43 -17.05 -9.60
C ARG A 403 14.55 -16.13 -9.13
N ASP A 404 15.34 -16.58 -8.15
CA ASP A 404 16.18 -15.65 -7.38
C ASP A 404 17.68 -15.72 -7.65
N LYS A 405 18.11 -16.70 -8.44
CA LYS A 405 19.54 -16.99 -8.61
C LYS A 405 20.37 -15.80 -9.12
N ASN A 406 19.78 -14.92 -9.92
CA ASN A 406 20.59 -13.86 -10.53
C ASN A 406 20.67 -12.56 -9.71
N HIS A 407 20.09 -12.57 -8.52
CA HIS A 407 20.27 -11.45 -7.60
C HIS A 407 21.65 -11.52 -6.97
N PRO A 408 22.44 -10.43 -7.07
CA PRO A 408 23.72 -10.48 -6.35
C PRO A 408 23.52 -10.59 -4.83
N SER A 409 22.40 -10.05 -4.33
CA SER A 409 22.16 -10.10 -2.88
C SER A 409 22.03 -11.53 -2.35
N VAL A 410 21.55 -12.46 -3.17
CA VAL A 410 21.30 -13.81 -2.65
C VAL A 410 22.62 -14.59 -2.60
N ILE A 411 23.10 -14.83 -1.38
CA ILE A 411 24.41 -15.48 -1.20
C ILE A 411 24.30 -16.90 -0.66
N ALA A 412 23.10 -17.34 -0.31
CA ALA A 412 22.91 -18.66 0.26
C ALA A 412 21.45 -19.09 0.18
N TRP A 413 21.25 -20.40 0.13
CA TRP A 413 19.91 -20.98 0.17
C TRP A 413 19.70 -21.65 1.50
N SER A 414 18.60 -21.32 2.19
CA SER A 414 18.20 -22.06 3.38
C SER A 414 17.10 -23.03 3.01
N LEU A 415 17.35 -24.32 3.21
CA LEU A 415 16.44 -25.32 2.68
C LEU A 415 15.53 -25.95 3.74
N PHE A 416 15.64 -25.47 4.98
CA PHE A 416 14.76 -25.91 6.06
C PHE A 416 14.89 -25.00 7.28
N ASN A 417 13.86 -25.00 8.11
CA ASN A 417 13.92 -24.37 9.42
C ASN A 417 13.34 -25.32 10.45
N GLU A 418 14.23 -25.93 11.21
CA GLU A 418 13.90 -26.76 12.37
C GLU A 418 13.04 -27.98 12.05
N PRO A 419 13.51 -28.83 11.11
CA PRO A 419 12.90 -30.15 10.91
C PRO A 419 13.46 -31.18 11.89
N GLU A 420 13.03 -32.43 11.78
CA GLU A 420 13.70 -33.53 12.46
C GLU A 420 14.97 -33.91 11.69
N THR A 421 16.08 -34.15 12.40
CA THR A 421 17.36 -34.42 11.74
C THR A 421 18.20 -35.51 12.41
N ILE A 422 17.62 -36.20 13.38
CA ILE A 422 18.33 -37.24 14.12
C ILE A 422 17.92 -38.65 13.74
N THR A 423 17.76 -38.87 12.43
CA THR A 423 17.39 -40.18 11.91
C THR A 423 18.05 -40.44 10.56
N ASP A 424 18.16 -41.71 10.20
CA ASP A 424 18.78 -42.10 8.93
C ASP A 424 17.97 -41.63 7.73
N TYR A 425 16.66 -41.81 7.80
CA TYR A 425 15.77 -41.46 6.69
C TYR A 425 15.79 -39.97 6.41
N ALA A 426 15.72 -39.18 7.48
CA ALA A 426 15.74 -37.73 7.33
C ALA A 426 16.92 -37.32 6.46
N TYR A 427 18.03 -38.03 6.62
CA TYR A 427 19.23 -37.71 5.86
C TYR A 427 19.02 -37.96 4.37
N GLU A 428 18.35 -39.07 4.04
CA GLU A 428 18.02 -39.41 2.66
C GLU A 428 17.11 -38.35 2.05
N TYR A 429 16.14 -37.91 2.84
CA TYR A 429 15.23 -36.85 2.41
C TYR A 429 15.99 -35.58 2.03
N PHE A 430 16.80 -35.08 2.95
CA PHE A 430 17.45 -33.81 2.70
C PHE A 430 18.57 -33.93 1.67
N LYS A 431 19.13 -35.13 1.52
CA LYS A 431 20.11 -35.34 0.47
C LYS A 431 19.50 -35.04 -0.90
N GLU A 432 18.26 -35.46 -1.10
CA GLU A 432 17.57 -35.18 -2.35
C GLU A 432 17.24 -33.69 -2.53
N VAL A 433 16.85 -33.02 -1.45
CA VAL A 433 16.57 -31.59 -1.53
C VAL A 433 17.84 -30.82 -1.88
N PHE A 434 18.95 -31.16 -1.23
CA PHE A 434 20.20 -30.44 -1.48
C PHE A 434 20.73 -30.73 -2.88
N ALA A 435 20.56 -31.97 -3.35
CA ALA A 435 20.98 -32.34 -4.70
C ALA A 435 20.20 -31.55 -5.73
N ALA A 436 18.89 -31.40 -5.48
CA ALA A 436 18.04 -30.63 -6.38
C ALA A 436 18.45 -29.16 -6.40
N ALA A 437 18.75 -28.60 -5.23
CA ALA A 437 19.17 -27.21 -5.17
C ALA A 437 20.43 -27.00 -5.99
N GLU A 438 21.38 -27.94 -5.82
CA GLU A 438 22.64 -27.87 -6.56
C GLU A 438 22.43 -27.85 -8.06
N THR A 439 21.52 -28.70 -8.55
CA THR A 439 21.34 -28.81 -9.99
C THR A 439 20.68 -27.55 -10.54
N TYR A 440 19.89 -26.86 -9.72
CA TYR A 440 19.18 -25.70 -10.25
C TYR A 440 19.96 -24.39 -10.09
N ASP A 441 20.95 -24.38 -9.21
CA ASP A 441 21.75 -23.18 -9.02
C ASP A 441 23.04 -23.22 -9.84
N PHE A 442 23.02 -22.46 -10.93
CA PHE A 442 24.16 -22.29 -11.82
C PHE A 442 25.43 -21.87 -11.08
N GLN A 443 25.27 -21.13 -9.98
CA GLN A 443 26.40 -20.62 -9.19
C GLN A 443 26.87 -21.58 -8.12
N SER A 444 26.05 -22.60 -7.83
CA SER A 444 26.36 -23.53 -6.76
C SER A 444 26.78 -22.79 -5.49
N ARG A 445 26.00 -21.81 -5.07
CA ARG A 445 26.36 -21.01 -3.91
C ARG A 445 26.06 -21.79 -2.62
N PRO A 446 26.52 -21.28 -1.46
CA PRO A 446 26.37 -22.02 -0.21
C PRO A 446 24.92 -22.40 0.11
N MET A 447 24.75 -23.62 0.60
CA MET A 447 23.45 -24.11 1.03
C MET A 447 23.49 -24.45 2.50
N THR A 448 22.36 -24.22 3.17
CA THR A 448 22.28 -24.40 4.62
C THR A 448 20.84 -24.68 5.02
N GLY A 449 20.60 -24.69 6.33
CA GLY A 449 19.25 -24.74 6.88
C GLY A 449 19.38 -24.39 8.35
N ALA A 450 18.30 -23.95 8.98
CA ALA A 450 18.36 -23.58 10.40
C ALA A 450 17.98 -24.75 11.27
N PHE A 451 18.86 -25.08 12.22
CA PHE A 451 18.64 -26.20 13.13
C PHE A 451 18.12 -25.75 14.49
N GLU A 452 17.08 -26.42 14.98
CA GLU A 452 16.64 -26.29 16.37
C GLU A 452 17.51 -27.13 17.31
N LYS A 453 17.42 -26.87 18.61
CA LYS A 453 18.34 -27.48 19.58
C LYS A 453 18.20 -29.00 19.67
N ASN A 454 17.02 -29.52 19.35
CA ASN A 454 16.80 -30.97 19.34
C ASN A 454 17.86 -31.70 18.53
N SER A 455 18.28 -31.08 17.42
CA SER A 455 19.40 -31.60 16.65
C SER A 455 20.69 -31.46 17.47
N LYS A 456 20.77 -32.22 18.56
CA LYS A 456 21.91 -32.19 19.47
C LYS A 456 23.22 -32.54 18.75
N PRO A 457 24.31 -31.84 19.10
CA PRO A 457 25.64 -32.02 18.50
C PRO A 457 26.04 -33.49 18.35
N LYS A 461 22.74 -36.49 11.11
CA LYS A 461 23.71 -36.63 10.04
C LYS A 461 23.46 -35.62 8.92
N CYS A 462 22.65 -34.61 9.21
CA CYS A 462 22.26 -33.63 8.20
C CYS A 462 23.21 -32.43 8.12
N TYR A 463 23.81 -32.02 9.23
CA TYR A 463 24.62 -30.80 9.14
C TYR A 463 25.81 -30.94 8.15
N PRO A 464 26.31 -32.17 7.90
CA PRO A 464 27.32 -32.32 6.84
C PRO A 464 26.85 -31.95 5.42
N LEU A 465 25.53 -31.95 5.16
CA LEU A 465 25.03 -31.53 3.86
C LEU A 465 25.21 -30.03 3.70
N CYS A 466 25.37 -29.34 4.82
CA CYS A 466 25.41 -27.88 4.83
C CYS A 466 26.80 -27.33 4.56
N ASP A 467 26.87 -26.22 3.83
CA ASP A 467 28.15 -25.55 3.60
C ASP A 467 28.55 -24.68 4.81
N PHE A 468 27.55 -24.15 5.51
CA PHE A 468 27.78 -23.55 6.82
C PHE A 468 26.56 -23.91 7.65
N ILE A 469 26.71 -23.84 8.98
CA ILE A 469 25.66 -24.27 9.89
C ILE A 469 24.93 -23.08 10.50
N CYS A 470 23.59 -23.12 10.41
CA CYS A 470 22.74 -22.11 11.03
C CYS A 470 22.06 -22.67 12.27
N LEU A 471 22.20 -21.99 13.39
CA LEU A 471 21.56 -22.42 14.63
C LEU A 471 20.50 -21.43 15.09
N ASN A 472 19.32 -21.94 15.43
CA ASN A 472 18.33 -21.16 16.17
C ASN A 472 18.44 -21.48 17.65
N ARG A 473 18.73 -20.48 18.50
CA ARG A 473 18.90 -20.79 19.92
C ARG A 473 18.23 -19.76 20.82
N TYR A 474 17.65 -20.26 21.90
CA TYR A 474 16.91 -19.43 22.83
C TYR A 474 17.33 -19.68 24.29
N TYR A 475 18.64 -19.81 24.46
CA TYR A 475 19.23 -19.84 25.79
C TYR A 475 18.98 -18.49 26.46
N GLY A 476 18.16 -18.48 27.50
CA GLY A 476 17.80 -17.23 28.15
C GLY A 476 16.37 -16.83 27.83
N TRP A 477 15.70 -17.61 27.00
CA TRP A 477 14.27 -17.39 26.81
C TRP A 477 13.50 -18.67 27.09
N TYR A 478 13.55 -19.63 26.16
CA TYR A 478 12.84 -20.90 26.35
C TYR A 478 13.60 -21.84 27.28
N ILE A 479 14.91 -21.64 27.37
CA ILE A 479 15.78 -22.42 28.24
C ILE A 479 16.40 -21.51 29.29
N SER A 480 16.10 -21.79 30.55
CA SER A 480 16.69 -21.07 31.70
C SER A 480 16.57 -19.56 31.58
N GLY A 481 15.35 -19.10 31.34
CA GLY A 481 15.12 -17.66 31.22
C GLY A 481 15.07 -16.94 32.56
N GLY A 482 15.22 -15.62 32.52
CA GLY A 482 14.94 -14.79 33.68
C GLY A 482 15.94 -14.99 34.79
N PRO A 483 15.47 -15.39 35.98
CA PRO A 483 16.39 -15.58 37.11
C PRO A 483 17.44 -16.64 36.82
N GLU A 484 17.22 -17.47 35.81
CA GLU A 484 18.17 -18.53 35.48
C GLU A 484 19.12 -18.18 34.32
N ILE A 485 19.19 -16.91 33.96
CA ILE A 485 19.98 -16.55 32.80
C ILE A 485 21.49 -16.86 32.93
N GLU A 486 22.06 -16.85 34.13
CA GLU A 486 23.47 -17.25 34.21
C GLU A 486 23.59 -18.74 33.91
N GLU A 487 22.59 -19.51 34.33
CA GLU A 487 22.58 -20.93 33.98
C GLU A 487 22.41 -21.09 32.46
N ALA A 488 21.59 -20.23 31.86
CA ALA A 488 21.41 -20.29 30.41
C ALA A 488 22.75 -20.05 29.71
N GLU A 489 23.54 -19.11 30.21
CA GLU A 489 24.81 -18.81 29.57
C GLU A 489 25.76 -20.00 29.67
N GLU A 490 25.77 -20.63 30.84
CA GLU A 490 26.61 -21.80 31.05
C GLU A 490 26.19 -22.94 30.12
N LEU A 491 24.88 -23.17 29.98
CA LEU A 491 24.37 -24.21 29.10
C LEU A 491 24.72 -23.93 27.64
N PHE A 492 24.63 -22.66 27.26
CA PHE A 492 24.95 -22.22 25.91
C PHE A 492 26.43 -22.50 25.63
N ARG A 493 27.29 -22.11 26.57
CA ARG A 493 28.74 -22.35 26.40
C ARG A 493 29.04 -23.84 26.36
N ASP A 494 28.30 -24.62 27.13
CA ASP A 494 28.47 -26.07 27.12
C ASP A 494 28.21 -26.60 25.72
N GLU A 495 27.12 -26.14 25.10
CA GLU A 495 26.80 -26.65 23.78
C GLU A 495 27.84 -26.21 22.77
N MET A 496 28.25 -24.94 22.84
CA MET A 496 29.21 -24.41 21.88
C MET A 496 30.58 -25.05 22.07
N ASP A 497 30.93 -25.40 23.31
CA ASP A 497 32.17 -26.15 23.55
C ASP A 497 32.13 -27.52 22.88
N ARG A 498 30.94 -28.12 22.84
CA ARG A 498 30.78 -29.41 22.16
C ARG A 498 30.95 -29.24 20.66
N TRP A 499 30.36 -28.18 20.11
CA TRP A 499 30.53 -27.91 18.68
C TRP A 499 32.00 -27.65 18.38
N LYS A 500 32.64 -26.87 19.24
CA LYS A 500 34.05 -26.54 19.07
C LYS A 500 34.91 -27.78 19.03
N ALA A 501 34.63 -28.72 19.93
CA ALA A 501 35.39 -29.97 20.03
C ALA A 501 35.18 -30.88 18.81
N LYS A 502 34.08 -30.68 18.10
CA LYS A 502 33.87 -31.41 16.85
C LYS A 502 34.81 -30.94 15.74
N GLU A 503 35.33 -29.72 15.86
CA GLU A 503 36.29 -29.18 14.91
C GLU A 503 35.83 -29.38 13.46
N LEU A 504 34.59 -28.99 13.18
CA LEU A 504 34.00 -29.20 11.86
C LEU A 504 34.64 -28.33 10.77
N ASN A 505 35.32 -27.26 11.18
CA ASN A 505 35.93 -26.30 10.27
C ASN A 505 34.95 -25.71 9.27
N VAL A 506 33.73 -25.40 9.74
CA VAL A 506 32.74 -24.67 8.93
C VAL A 506 32.27 -23.45 9.72
N PRO A 507 31.76 -22.43 9.01
CA PRO A 507 31.23 -21.27 9.72
C PRO A 507 29.91 -21.60 10.39
N PHE A 508 29.67 -20.97 11.54
CA PHE A 508 28.39 -21.05 12.23
C PHE A 508 27.73 -19.69 12.19
N VAL A 509 26.44 -19.67 11.90
CA VAL A 509 25.66 -18.43 11.90
C VAL A 509 24.48 -18.67 12.83
N PHE A 510 24.29 -17.78 13.81
CA PHE A 510 23.07 -17.86 14.60
C PHE A 510 21.97 -17.17 13.84
N THR A 511 21.01 -17.95 13.38
CA THR A 511 19.92 -17.42 12.57
C THR A 511 18.73 -16.96 13.38
N GLU A 512 18.67 -17.36 14.65
CA GLU A 512 17.64 -16.85 15.56
C GLU A 512 18.15 -16.82 16.99
N PHE A 513 17.78 -15.74 17.68
CA PHE A 513 17.94 -15.60 19.11
C PHE A 513 17.14 -14.34 19.46
N GLY A 514 16.40 -14.38 20.56
CA GLY A 514 15.59 -13.23 20.93
C GLY A 514 14.68 -13.53 22.10
N THR A 515 13.96 -12.49 22.55
CA THR A 515 13.07 -12.58 23.72
C THR A 515 11.80 -11.82 23.41
N ASP A 516 10.64 -12.35 23.80
CA ASP A 516 9.44 -11.53 23.62
C ASP A 516 9.59 -10.32 24.49
N THR A 517 9.24 -9.17 23.92
CA THR A 517 9.49 -7.90 24.59
C THR A 517 8.32 -6.95 24.32
N MET A 518 7.61 -6.57 25.37
CA MET A 518 6.47 -5.67 25.19
C MET A 518 6.89 -4.21 25.28
N ALA A 519 6.78 -3.48 24.17
CA ALA A 519 7.18 -2.08 24.18
C ALA A 519 6.54 -1.37 25.37
N GLY A 520 7.35 -0.66 26.15
CA GLY A 520 6.84 0.06 27.31
C GLY A 520 6.86 -0.69 28.62
N LEU A 521 7.15 -1.99 28.57
CA LEU A 521 7.29 -2.76 29.80
C LEU A 521 8.72 -2.59 30.32
N HIS A 522 8.84 -1.82 31.39
CA HIS A 522 10.12 -1.50 32.02
C HIS A 522 10.19 -2.10 33.40
N LYS A 523 11.33 -2.67 33.75
CA LYS A 523 11.50 -3.18 35.11
C LYS A 523 12.95 -3.13 35.53
N LEU A 524 13.16 -2.75 36.79
CA LEU A 524 14.47 -2.69 37.41
C LEU A 524 14.39 -3.40 38.77
N PRO A 525 15.02 -4.59 38.91
CA PRO A 525 15.75 -5.30 37.87
C PRO A 525 14.82 -5.89 36.81
N SER A 526 15.39 -6.25 35.68
CA SER A 526 14.62 -6.68 34.52
C SER A 526 13.84 -7.96 34.78
N ILE A 527 12.79 -8.15 34.00
CA ILE A 527 12.04 -9.40 33.95
C ILE A 527 11.88 -9.84 32.50
N MET A 528 11.71 -11.13 32.30
CA MET A 528 11.29 -11.61 31.00
C MET A 528 10.07 -10.80 30.53
N TRP A 529 10.12 -10.39 29.26
CA TRP A 529 9.12 -9.55 28.57
C TRP A 529 9.43 -8.05 28.66
N SER A 530 10.32 -7.63 29.55
CA SER A 530 10.68 -6.19 29.63
C SER A 530 11.72 -5.79 28.57
N GLU A 531 11.75 -4.49 28.29
CA GLU A 531 12.73 -3.98 27.35
C GLU A 531 14.16 -4.17 27.88
N GLU A 532 14.34 -4.08 29.19
CA GLU A 532 15.66 -4.19 29.79
C GLU A 532 16.17 -5.62 29.67
N TYR A 533 15.27 -6.58 29.80
CA TYR A 533 15.68 -7.98 29.70
C TYR A 533 16.15 -8.31 28.28
N GLN A 534 15.46 -7.74 27.29
CA GLN A 534 15.85 -7.94 25.91
C GLN A 534 17.29 -7.50 25.73
N LYS A 535 17.65 -6.35 26.31
CA LYS A 535 19.04 -5.87 26.21
C LYS A 535 20.02 -6.82 26.87
N GLU A 536 19.69 -7.26 28.08
CA GLU A 536 20.59 -8.12 28.85
C GLU A 536 20.76 -9.48 28.19
N TYR A 537 19.67 -10.00 27.63
CA TYR A 537 19.70 -11.26 26.92
C TYR A 537 20.63 -11.16 25.71
N LEU A 538 20.52 -10.07 24.97
CA LEU A 538 21.34 -9.90 23.78
C LEU A 538 22.81 -9.79 24.19
N GLU A 539 23.10 -9.02 25.24
CA GLU A 539 24.48 -8.88 25.70
C GLU A 539 25.07 -10.23 26.09
N MET A 540 24.27 -11.07 26.74
CA MET A 540 24.74 -12.40 27.12
C MET A 540 25.04 -13.24 25.88
N ASN A 541 24.12 -13.23 24.93
CA ASN A 541 24.33 -13.97 23.70
C ASN A 541 25.60 -13.50 22.99
N PHE A 542 25.81 -12.19 22.88
CA PHE A 542 27.01 -11.68 22.23
C PHE A 542 28.28 -12.19 22.92
N ARG A 543 28.29 -12.21 24.24
CA ARG A 543 29.47 -12.71 24.97
C ARG A 543 29.79 -14.13 24.55
N VAL A 544 28.76 -14.95 24.40
CA VAL A 544 28.96 -16.32 23.98
C VAL A 544 29.43 -16.40 22.52
N PHE A 545 28.72 -15.70 21.62
CA PHE A 545 29.10 -15.67 20.19
C PHE A 545 30.59 -15.36 20.05
N ASP A 546 31.02 -14.31 20.75
CA ASP A 546 32.36 -13.77 20.60
C ASP A 546 33.44 -14.67 21.20
N SER A 547 33.02 -15.70 21.91
CA SER A 547 33.95 -16.64 22.52
C SER A 547 34.42 -17.73 21.57
N TYR A 548 33.81 -17.81 20.39
CA TYR A 548 34.12 -18.88 19.43
C TYR A 548 34.50 -18.33 18.05
N GLU A 549 35.68 -18.72 17.58
CA GLU A 549 36.22 -18.19 16.33
C GLU A 549 35.35 -18.54 15.15
N PHE A 550 34.69 -19.70 15.20
CA PHE A 550 34.00 -20.20 14.02
C PHE A 550 32.62 -19.58 13.83
N VAL A 551 32.19 -18.76 14.79
CA VAL A 551 30.95 -18.02 14.62
C VAL A 551 31.21 -16.90 13.61
N GLN A 552 30.36 -16.82 12.60
CA GLN A 552 30.63 -15.94 11.47
C GLN A 552 29.40 -15.12 11.11
N GLY A 553 28.37 -15.17 11.97
CA GLY A 553 27.20 -14.36 11.71
C GLY A 553 26.17 -14.43 12.81
N GLU A 554 25.37 -13.38 12.89
CA GLU A 554 24.33 -13.30 13.90
C GLU A 554 23.13 -12.56 13.30
N LEU A 555 22.02 -13.29 13.14
CA LEU A 555 20.77 -12.73 12.64
C LEU A 555 19.75 -12.87 13.76
N ALA A 556 19.35 -11.74 14.32
CA ALA A 556 18.46 -11.71 15.47
C ALA A 556 17.03 -12.08 15.05
N TRP A 557 16.31 -12.73 15.95
CA TRP A 557 14.88 -12.98 15.77
C TRP A 557 14.10 -12.03 16.66
N ASN A 558 13.25 -11.16 16.13
CA ASN A 558 12.96 -10.90 14.72
C ASN A 558 13.26 -9.41 14.48
N PHE A 559 13.35 -8.98 13.22
CA PHE A 559 13.41 -7.56 12.91
C PHE A 559 12.27 -6.79 13.56
N ALA A 560 11.05 -7.31 13.43
CA ALA A 560 9.88 -6.62 13.96
C ALA A 560 8.83 -7.57 14.49
N ASP A 561 8.07 -7.11 15.50
CA ASP A 561 6.90 -7.85 15.99
C ASP A 561 6.00 -8.24 14.84
N PHE A 562 5.48 -9.46 14.86
CA PHE A 562 4.69 -9.96 13.74
C PHE A 562 3.54 -10.86 14.20
N GLN A 563 2.54 -11.04 13.32
CA GLN A 563 1.32 -11.74 13.70
C GLN A 563 1.51 -13.26 13.75
N THR A 564 0.90 -13.88 14.76
CA THR A 564 0.85 -15.33 14.87
C THR A 564 -0.58 -15.75 15.12
N THR A 565 -0.82 -17.05 15.08
CA THR A 565 -2.05 -17.63 15.63
C THR A 565 -2.23 -17.16 17.06
N GLU A 566 -3.45 -16.83 17.47
CA GLU A 566 -3.61 -16.42 18.86
C GLU A 566 -3.51 -17.63 19.79
N GLY A 567 -3.15 -17.38 21.05
CA GLY A 567 -2.97 -18.45 21.99
C GLY A 567 -2.41 -17.95 23.31
N ILE A 568 -2.25 -18.85 24.27
CA ILE A 568 -1.83 -18.41 25.60
C ILE A 568 -0.36 -17.99 25.66
N MET A 569 0.40 -18.21 24.59
CA MET A 569 1.80 -17.83 24.64
C MET A 569 2.15 -16.71 23.69
N ARG A 570 1.13 -16.14 23.04
CA ARG A 570 1.34 -15.08 22.07
C ARG A 570 0.44 -13.89 22.37
N VAL A 571 1.05 -12.79 22.80
CA VAL A 571 0.31 -11.62 23.22
C VAL A 571 0.16 -10.68 22.03
N ASP A 572 -0.90 -10.87 21.24
CA ASP A 572 -1.04 -10.20 19.95
C ASP A 572 0.20 -10.47 19.10
N GLY A 573 0.37 -11.74 18.73
CA GLY A 573 1.49 -12.13 17.89
C GLY A 573 2.76 -12.34 18.68
N ASN A 574 3.85 -12.38 17.93
CA ASN A 574 5.20 -12.63 18.41
C ASN A 574 5.88 -11.30 18.68
N HIS A 575 6.37 -11.10 19.91
CA HIS A 575 6.96 -9.81 20.29
C HIS A 575 8.46 -9.87 20.44
N LYS A 576 9.10 -10.81 19.73
CA LYS A 576 10.55 -10.86 19.75
C LYS A 576 11.18 -9.81 18.81
N GLY A 577 10.34 -8.97 18.21
CA GLY A 577 10.87 -7.90 17.39
C GLY A 577 11.82 -6.99 18.14
N VAL A 578 12.84 -6.52 17.42
CA VAL A 578 13.70 -5.46 17.90
C VAL A 578 13.02 -4.12 17.61
N PHE A 579 12.20 -4.12 16.56
CA PHE A 579 11.29 -3.04 16.25
C PHE A 579 9.85 -3.48 16.53
N THR A 580 8.98 -2.51 16.81
CA THR A 580 7.56 -2.79 16.88
C THR A 580 7.00 -3.11 15.48
N ARG A 581 5.77 -3.60 15.43
CA ARG A 581 5.15 -3.91 14.14
C ARG A 581 5.00 -2.66 13.26
N ASP A 582 4.81 -1.51 13.91
CA ASP A 582 4.74 -0.23 13.21
C ASP A 582 6.14 0.34 12.91
N ARG A 583 7.17 -0.47 13.16
CA ARG A 583 8.55 -0.22 12.72
C ARG A 583 9.22 0.89 13.54
N GLN A 584 9.06 0.84 14.85
CA GLN A 584 9.75 1.78 15.75
C GLN A 584 10.63 0.99 16.73
N PRO A 585 11.78 1.55 17.12
CA PRO A 585 12.77 0.76 17.87
C PRO A 585 12.48 0.59 19.36
N LYS A 586 12.60 -0.63 19.85
CA LYS A 586 12.62 -0.84 21.29
C LYS A 586 14.01 -0.49 21.79
N ALA A 587 14.22 -0.51 23.11
CA ALA A 587 15.54 -0.16 23.66
C ALA A 587 16.66 -0.98 23.04
N ALA A 588 16.42 -2.26 22.78
CA ALA A 588 17.47 -3.15 22.31
C ALA A 588 17.99 -2.79 20.91
N ALA A 589 17.23 -2.01 20.15
CA ALA A 589 17.64 -1.68 18.78
C ALA A 589 18.97 -0.96 18.78
N VAL A 590 19.19 -0.07 19.75
CA VAL A 590 20.43 0.70 19.78
C VAL A 590 21.61 -0.19 20.20
N VAL A 591 21.32 -1.26 20.93
CA VAL A 591 22.35 -2.24 21.28
C VAL A 591 22.95 -2.84 19.99
N PHE A 592 22.09 -3.22 19.06
CA PHE A 592 22.56 -3.74 17.78
C PHE A 592 23.31 -2.67 17.00
N LYS A 593 22.72 -1.47 16.93
CA LYS A 593 23.34 -0.36 16.21
C LYS A 593 24.79 -0.15 16.65
N ASP A 594 24.99 -0.07 17.97
CA ASP A 594 26.32 0.20 18.51
C ASP A 594 27.30 -0.95 18.26
N ARG A 595 26.81 -2.18 18.36
CA ARG A 595 27.68 -3.34 18.19
C ARG A 595 28.08 -3.53 16.74
N TRP A 596 27.12 -3.30 15.83
CA TRP A 596 27.35 -3.57 14.41
C TRP A 596 28.06 -2.42 13.69
N GLU A 597 28.18 -1.30 14.36
CA GLU A 597 28.89 -0.17 13.83
C GLU A 597 30.34 -0.50 13.55
N LEU B 2 -12.01 24.33 -16.85
CA LEU B 2 -10.63 23.87 -16.70
C LEU B 2 -9.97 23.59 -18.05
N GLU B 3 -8.64 23.70 -18.09
CA GLU B 3 -7.85 23.45 -19.28
C GLU B 3 -7.50 21.97 -19.44
N TYR B 4 -8.27 21.11 -18.79
CA TYR B 4 -7.98 19.68 -18.75
C TYR B 4 -9.21 18.98 -18.19
N SER B 5 -9.22 17.67 -18.30
CA SER B 5 -10.32 16.85 -17.76
C SER B 5 -10.01 16.32 -16.37
N GLU B 6 -11.00 16.33 -15.47
CA GLU B 6 -10.89 15.71 -14.15
C GLU B 6 -11.33 14.24 -14.17
N LEU B 7 -11.84 13.76 -15.30
CA LEU B 7 -12.43 12.42 -15.35
C LEU B 7 -11.44 11.34 -14.99
N TYR B 8 -11.90 10.39 -14.18
CA TYR B 8 -11.06 9.30 -13.75
C TYR B 8 -10.63 8.49 -14.97
N PRO B 9 -9.35 8.07 -15.00
CA PRO B 9 -8.91 7.41 -16.23
C PRO B 9 -9.47 5.99 -16.37
N ILE B 10 -9.84 5.64 -17.60
CA ILE B 10 -10.30 4.29 -17.90
C ILE B 10 -9.59 3.73 -19.12
N GLN B 11 -9.74 2.43 -19.32
CA GLN B 11 -9.10 1.77 -20.45
C GLN B 11 -10.13 1.07 -21.32
N ASN B 12 -10.14 1.41 -22.59
CA ASN B 12 -11.01 0.75 -23.56
C ASN B 12 -10.43 0.90 -24.95
N GLU B 13 -11.26 0.74 -25.98
CA GLU B 13 -10.75 0.79 -27.34
C GLU B 13 -10.20 2.18 -27.72
N TYR B 14 -10.67 3.21 -27.02
CA TYR B 14 -10.32 4.58 -27.40
C TYR B 14 -9.35 5.25 -26.42
N ARG B 15 -9.35 4.75 -25.19
CA ARG B 15 -8.55 5.33 -24.11
C ARG B 15 -7.58 4.31 -23.55
N MET B 16 -6.33 4.72 -23.35
CA MET B 16 -5.34 3.82 -22.75
C MET B 16 -4.77 4.41 -21.48
N MET B 17 -4.30 3.53 -20.61
CA MET B 17 -3.69 4.00 -19.37
C MET B 17 -2.62 3.03 -18.91
N GLN B 18 -1.60 3.58 -18.26
CA GLN B 18 -0.48 2.79 -17.77
C GLN B 18 -0.06 3.39 -16.44
N SER B 19 0.04 2.54 -15.42
CA SER B 19 0.41 3.02 -14.09
C SER B 19 1.87 3.35 -13.98
N LEU B 20 2.18 4.49 -13.35
CA LEU B 20 3.56 4.83 -13.04
C LEU B 20 3.91 4.62 -11.57
N ASP B 21 3.00 3.98 -10.82
CA ASP B 21 3.25 3.68 -9.40
C ASP B 21 4.46 2.77 -9.29
N GLY B 22 5.18 2.88 -8.19
CA GLY B 22 6.33 2.01 -7.96
C GLY B 22 7.38 2.76 -7.19
N MET B 23 8.62 2.36 -7.37
CA MET B 23 9.75 3.06 -6.77
C MET B 23 10.26 4.12 -7.71
N TRP B 24 10.12 5.38 -7.32
CA TRP B 24 10.65 6.48 -8.08
C TRP B 24 12.03 6.90 -7.58
N LYS B 25 12.69 7.75 -8.34
CA LYS B 25 13.91 8.42 -7.88
C LYS B 25 13.49 9.69 -7.18
N PHE B 26 14.29 10.13 -6.20
CA PHE B 26 13.87 11.22 -5.30
C PHE B 26 15.11 11.93 -4.79
N GLN B 27 15.05 13.25 -4.70
CA GLN B 27 16.18 13.98 -4.12
C GLN B 27 15.73 15.28 -3.46
N PHE B 28 16.22 15.52 -2.25
CA PHE B 28 15.92 16.77 -1.57
C PHE B 28 16.75 17.88 -2.22
N ASP B 29 16.22 19.11 -2.21
CA ASP B 29 16.89 20.25 -2.85
C ASP B 29 16.95 21.45 -1.89
N PRO B 30 17.70 21.30 -0.79
CA PRO B 30 17.73 22.32 0.27
C PRO B 30 18.28 23.67 -0.21
N GLU B 31 19.14 23.68 -1.22
CA GLU B 31 19.74 24.93 -1.67
C GLU B 31 18.97 25.55 -2.84
N GLU B 32 17.86 24.91 -3.22
CA GLU B 32 17.02 25.38 -4.32
C GLU B 32 17.83 25.59 -5.60
N ILE B 33 18.60 24.58 -5.99
CA ILE B 33 19.45 24.71 -7.17
C ILE B 33 19.09 23.71 -8.28
N GLY B 34 18.05 22.91 -8.08
CA GLY B 34 17.71 21.88 -9.05
C GLY B 34 17.43 22.42 -10.44
N LYS B 35 16.60 23.45 -10.53
CA LYS B 35 16.24 24.01 -11.83
C LYS B 35 17.41 24.80 -12.41
N LYS B 36 18.34 25.20 -11.54
CA LYS B 36 19.56 25.87 -11.99
C LYS B 36 20.61 24.87 -12.45
N SER B 37 20.39 23.59 -12.22
CA SER B 37 21.46 22.60 -12.36
C SER B 37 21.05 21.40 -13.20
N GLY B 38 19.99 21.57 -13.98
CA GLY B 38 19.60 20.57 -14.95
C GLY B 38 18.83 19.39 -14.40
N TRP B 39 18.30 19.51 -13.17
CA TRP B 39 17.64 18.35 -12.56
C TRP B 39 16.39 17.94 -13.32
N GLU B 40 15.85 18.82 -14.15
CA GLU B 40 14.64 18.49 -14.89
C GLU B 40 14.98 17.48 -15.99
N ASN B 41 16.27 17.26 -16.22
CA ASN B 41 16.73 16.21 -17.12
C ASN B 41 17.19 14.95 -16.39
N GLY B 42 17.02 14.92 -15.07
CA GLY B 42 17.43 13.77 -14.29
C GLY B 42 18.10 14.21 -13.00
N LEU B 43 17.79 13.52 -11.91
CA LEU B 43 18.35 13.87 -10.62
C LEU B 43 19.77 13.34 -10.49
N PRO B 44 20.68 14.15 -9.93
CA PRO B 44 22.10 13.78 -9.91
C PRO B 44 22.48 12.72 -8.87
N ALA B 45 21.79 12.66 -7.73
CA ALA B 45 22.16 11.71 -6.67
C ALA B 45 20.94 11.27 -5.90
N PRO B 46 20.00 10.61 -6.60
CA PRO B 46 18.71 10.28 -6.00
C PRO B 46 18.76 9.10 -5.03
N VAL B 47 17.75 9.03 -4.19
CA VAL B 47 17.45 7.82 -3.44
C VAL B 47 16.12 7.28 -3.96
N SER B 48 15.71 6.11 -3.50
CA SER B 48 14.45 5.53 -3.94
C SER B 48 13.28 6.01 -3.07
N MET B 49 12.13 6.26 -3.69
CA MET B 49 10.95 6.69 -2.96
C MET B 49 9.69 6.04 -3.51
N PRO B 50 8.91 5.35 -2.66
CA PRO B 50 7.64 4.75 -3.08
C PRO B 50 6.63 5.79 -3.53
N VAL B 51 5.91 5.45 -4.60
CA VAL B 51 4.76 6.21 -5.05
C VAL B 51 3.62 5.24 -5.31
N PRO B 52 2.45 5.48 -4.71
CA PRO B 52 2.10 6.61 -3.86
C PRO B 52 2.56 6.47 -2.41
N SER B 53 2.97 7.59 -1.82
CA SER B 53 3.28 7.63 -0.39
C SER B 53 3.62 9.05 0.03
N SER B 54 3.49 9.36 1.32
CA SER B 54 4.13 10.56 1.85
C SER B 54 5.60 10.21 2.10
N PHE B 55 6.54 11.11 1.85
CA PHE B 55 7.95 10.74 2.03
C PHE B 55 8.42 10.71 3.50
N ALA B 56 7.73 11.44 4.38
CA ALA B 56 8.33 11.78 5.67
C ALA B 56 8.72 10.60 6.57
N ASP B 57 7.86 9.60 6.70
CA ASP B 57 8.04 8.63 7.78
C ASP B 57 8.91 7.42 7.41
N PHE B 58 9.49 7.44 6.21
CA PHE B 58 10.43 6.38 5.85
C PHE B 58 11.77 6.55 6.54
N PHE B 59 12.19 7.80 6.67
CA PHE B 59 13.57 8.09 7.11
C PHE B 59 13.78 7.87 8.60
N THR B 60 15.05 7.72 8.99
CA THR B 60 15.37 7.53 10.41
C THR B 60 15.97 8.77 11.06
N ASP B 61 16.13 9.85 10.29
CA ASP B 61 16.69 11.08 10.83
C ASP B 61 15.68 12.24 10.78
N HIS B 62 15.77 13.12 11.77
CA HIS B 62 14.85 14.26 11.88
C HIS B 62 14.83 15.15 10.63
N LYS B 63 15.99 15.49 10.09
CA LYS B 63 16.03 16.51 9.04
C LYS B 63 15.31 16.06 7.76
N GLU B 64 15.40 14.78 7.45
CA GLU B 64 14.71 14.29 6.26
C GLU B 64 13.20 14.17 6.53
N ARG B 65 12.83 13.70 7.72
CA ARG B 65 11.40 13.61 8.05
C ARG B 65 10.73 14.99 8.01
N ASP B 66 11.42 15.97 8.58
CA ASP B 66 10.87 17.30 8.74
C ASP B 66 11.18 18.21 7.56
N TYR B 67 11.70 17.64 6.48
CA TYR B 67 12.12 18.48 5.36
C TYR B 67 11.02 19.40 4.86
N CYS B 68 11.38 20.67 4.67
CA CYS B 68 10.45 21.66 4.15
C CYS B 68 11.17 22.47 3.08
N GLY B 69 10.56 22.58 1.91
CA GLY B 69 11.15 23.31 0.79
C GLY B 69 10.97 22.56 -0.53
N ASP B 70 11.96 22.67 -1.41
CA ASP B 70 11.93 22.04 -2.73
C ASP B 70 12.46 20.60 -2.68
N PHE B 71 11.79 19.68 -3.38
CA PHE B 71 12.28 18.31 -3.50
C PHE B 71 11.75 17.71 -4.79
N TRP B 72 12.44 16.70 -5.30
CA TRP B 72 12.21 16.27 -6.67
C TRP B 72 11.94 14.78 -6.78
N TYR B 73 11.10 14.43 -7.76
CA TYR B 73 10.81 13.05 -8.10
C TYR B 73 11.17 12.80 -9.57
N GLU B 74 11.56 11.57 -9.88
CA GLU B 74 11.81 11.19 -11.27
C GLU B 74 11.44 9.74 -11.52
N THR B 75 10.88 9.45 -12.68
CA THR B 75 10.83 8.06 -13.10
C THR B 75 10.89 7.99 -14.63
N GLU B 76 11.07 6.78 -15.13
CA GLU B 76 11.10 6.53 -16.56
C GLU B 76 10.01 5.51 -16.88
N PHE B 77 9.43 5.63 -18.07
CA PHE B 77 8.41 4.69 -18.50
C PHE B 77 8.50 4.47 -20.00
N TYR B 78 8.13 3.27 -20.43
CA TYR B 78 8.10 2.95 -21.84
C TYR B 78 6.69 3.22 -22.41
N LEU B 79 6.62 4.04 -23.46
CA LEU B 79 5.35 4.36 -24.11
C LEU B 79 5.17 3.49 -25.33
N PRO B 80 4.08 2.70 -25.36
CA PRO B 80 3.76 1.88 -26.54
C PRO B 80 3.67 2.72 -27.81
N ALA B 81 4.26 2.23 -28.90
CA ALA B 81 4.21 2.95 -30.17
C ALA B 81 2.77 3.27 -30.58
N GLU B 82 1.84 2.39 -30.23
CA GLU B 82 0.45 2.55 -30.61
C GLU B 82 -0.21 3.80 -30.03
N TRP B 83 0.45 4.44 -29.05
CA TRP B 83 -0.10 5.68 -28.49
C TRP B 83 0.22 6.91 -29.36
N ARG B 84 0.96 6.71 -30.44
CA ARG B 84 1.38 7.82 -31.30
C ARG B 84 0.22 8.71 -31.74
N ASN B 85 0.43 10.02 -31.66
CA ASN B 85 -0.55 11.01 -32.11
C ASN B 85 -1.90 10.98 -31.37
N LYS B 86 -1.99 10.21 -30.28
CA LYS B 86 -3.11 10.38 -29.35
C LYS B 86 -2.84 11.63 -28.54
N LYS B 87 -3.83 12.10 -27.79
CA LYS B 87 -3.54 13.12 -26.77
C LYS B 87 -3.02 12.39 -25.54
N ILE B 88 -1.76 12.61 -25.21
CA ILE B 88 -1.09 11.85 -24.15
C ILE B 88 -0.88 12.74 -22.94
N TRP B 89 -1.33 12.27 -21.77
CA TRP B 89 -1.30 13.05 -20.55
C TRP B 89 -0.64 12.29 -19.41
N LEU B 90 0.13 13.01 -18.59
CA LEU B 90 0.48 12.52 -17.26
C LEU B 90 -0.64 12.93 -16.33
N ARG B 91 -1.10 12.00 -15.52
CA ARG B 91 -2.14 12.29 -14.54
C ARG B 91 -1.66 11.92 -13.16
N PHE B 92 -1.52 12.92 -12.30
CA PHE B 92 -1.16 12.74 -10.89
C PHE B 92 -2.42 12.84 -10.05
N GLY B 93 -2.68 11.85 -9.19
CA GLY B 93 -3.81 11.96 -8.28
C GLY B 93 -3.72 13.24 -7.46
N SER B 94 -2.50 13.61 -7.10
CA SER B 94 -2.19 14.89 -6.47
C SER B 94 -0.68 15.11 -6.52
N ILE B 95 -0.27 16.35 -6.27
CA ILE B 95 1.14 16.71 -6.08
C ILE B 95 1.15 17.66 -4.88
N THR B 96 1.76 17.25 -3.78
CA THR B 96 1.55 17.97 -2.51
C THR B 96 2.81 18.74 -2.07
N HIS B 97 2.78 20.08 -1.96
CA HIS B 97 1.60 20.96 -2.12
C HIS B 97 1.47 21.64 -3.48
N ARG B 98 2.61 21.90 -4.10
CA ARG B 98 2.63 22.60 -5.38
C ARG B 98 3.79 22.05 -6.17
N GLY B 99 3.76 22.15 -7.49
CA GLY B 99 4.85 21.59 -8.24
C GLY B 99 4.83 21.91 -9.71
N THR B 100 5.94 21.60 -10.36
CA THR B 100 6.05 21.75 -11.80
C THR B 100 6.44 20.41 -12.40
N VAL B 101 5.69 20.01 -13.42
CA VAL B 101 5.88 18.74 -14.10
C VAL B 101 6.71 18.93 -15.36
N TYR B 102 7.80 18.17 -15.47
CA TYR B 102 8.64 18.13 -16.68
C TYR B 102 8.51 16.76 -17.32
N CYS B 103 8.58 16.72 -18.65
CA CYS B 103 8.62 15.46 -19.36
C CYS B 103 9.64 15.56 -20.49
N ASN B 104 10.56 14.59 -20.53
CA ASN B 104 11.65 14.60 -21.49
C ASN B 104 12.37 15.95 -21.55
N GLY B 105 12.57 16.52 -20.36
CA GLY B 105 13.34 17.74 -20.22
C GLY B 105 12.56 19.03 -20.43
N MET B 106 11.28 18.92 -20.79
CA MET B 106 10.45 20.08 -21.12
C MET B 106 9.45 20.41 -20.02
N GLU B 107 9.34 21.69 -19.67
CA GLU B 107 8.35 22.09 -18.67
C GLU B 107 6.95 21.94 -19.27
N ILE B 108 6.06 21.26 -18.56
CA ILE B 108 4.73 20.99 -19.10
C ILE B 108 3.64 21.82 -18.43
N THR B 109 3.55 21.73 -17.11
CA THR B 109 2.55 22.48 -16.37
C THR B 109 2.97 22.66 -14.92
N SER B 110 2.31 23.60 -14.23
CA SER B 110 2.51 23.80 -12.80
C SER B 110 1.15 23.78 -12.12
N HIS B 111 1.12 23.43 -10.85
CA HIS B 111 -0.14 23.37 -10.11
C HIS B 111 0.08 23.76 -8.66
N GLU B 112 -0.87 24.51 -8.13
CA GLU B 112 -0.91 24.94 -6.75
C GLU B 112 -2.09 24.28 -6.05
N GLY B 113 -1.85 23.51 -5.00
CA GLY B 113 -2.93 22.82 -4.31
C GLY B 113 -2.65 21.33 -4.30
N GLY B 114 -2.51 20.76 -3.09
CA GLY B 114 -1.91 19.45 -2.95
C GLY B 114 -2.83 18.24 -2.80
N PHE B 115 -4.12 18.39 -3.09
CA PHE B 115 -5.08 17.33 -2.79
C PHE B 115 -6.07 17.06 -3.92
N LEU B 116 -5.71 17.49 -5.12
CA LEU B 116 -6.56 17.29 -6.29
C LEU B 116 -5.70 17.00 -7.52
N PRO B 117 -6.28 16.35 -8.55
CA PRO B 117 -5.48 15.89 -9.69
C PRO B 117 -4.72 17.00 -10.43
N VAL B 118 -3.54 16.62 -10.92
CA VAL B 118 -2.75 17.48 -11.78
C VAL B 118 -2.61 16.78 -13.12
N LEU B 119 -3.03 17.46 -14.18
CA LEU B 119 -2.98 16.93 -15.54
C LEU B 119 -1.94 17.68 -16.34
N ALA B 120 -1.04 16.93 -16.97
CA ALA B 120 0.02 17.54 -17.76
C ALA B 120 -0.03 16.96 -19.17
N ASP B 121 -0.27 17.81 -20.16
CA ASP B 121 -0.39 17.38 -21.55
C ASP B 121 0.99 17.24 -22.18
N ILE B 122 1.43 15.99 -22.37
CA ILE B 122 2.75 15.74 -22.95
C ILE B 122 2.65 15.30 -24.42
N SER B 123 1.52 15.58 -25.07
CA SER B 123 1.33 15.20 -26.46
C SER B 123 2.48 15.61 -27.37
N THR B 124 3.00 16.81 -27.18
CA THR B 124 4.01 17.33 -28.11
C THR B 124 5.43 16.90 -27.78
N VAL B 125 5.65 16.33 -26.59
CA VAL B 125 7.01 15.95 -26.19
C VAL B 125 7.16 14.45 -25.95
N ALA B 126 6.04 13.74 -25.88
CA ALA B 126 6.07 12.29 -25.68
C ALA B 126 6.78 11.60 -26.83
N LYS B 127 7.44 10.49 -26.50
CA LYS B 127 8.19 9.72 -27.47
C LYS B 127 7.61 8.30 -27.56
N PRO B 128 6.63 8.11 -28.46
CA PRO B 128 6.03 6.77 -28.59
C PRO B 128 7.04 5.71 -29.03
N GLY B 129 6.95 4.52 -28.46
CA GLY B 129 7.84 3.44 -28.83
C GLY B 129 9.24 3.65 -28.28
N GLN B 130 9.36 4.47 -27.23
CA GLN B 130 10.63 4.78 -26.61
C GLN B 130 10.49 4.93 -25.10
N VAL B 131 11.61 4.91 -24.40
CA VAL B 131 11.63 5.25 -22.98
C VAL B 131 11.44 6.76 -22.83
N ASN B 132 10.58 7.14 -21.89
CA ASN B 132 10.30 8.54 -21.58
C ASN B 132 10.66 8.81 -20.14
N GLN B 133 10.85 10.09 -19.83
CA GLN B 133 11.22 10.53 -18.49
C GLN B 133 10.23 11.56 -17.97
N VAL B 134 9.83 11.39 -16.71
CA VAL B 134 9.06 12.45 -16.03
C VAL B 134 9.86 12.90 -14.81
N VAL B 135 9.94 14.22 -14.64
CA VAL B 135 10.58 14.78 -13.45
C VAL B 135 9.62 15.79 -12.85
N VAL B 136 9.47 15.77 -11.53
CA VAL B 136 8.58 16.70 -10.88
C VAL B 136 9.34 17.47 -9.82
N LYS B 137 9.28 18.79 -9.90
CA LYS B 137 9.78 19.63 -8.82
C LYS B 137 8.60 19.94 -7.91
N ILE B 138 8.73 19.60 -6.64
CA ILE B 138 7.65 19.80 -5.68
C ILE B 138 8.10 20.69 -4.54
N ASN B 139 7.17 21.43 -3.98
CA ASN B 139 7.45 22.25 -2.81
C ASN B 139 6.34 22.05 -1.79
N ASN B 140 6.71 21.97 -0.50
CA ASN B 140 5.72 21.70 0.54
C ASN B 140 5.66 22.79 1.60
N GLU B 141 6.10 23.99 1.25
CA GLU B 141 6.02 25.09 2.20
C GLU B 141 4.55 25.52 2.40
N LEU B 142 4.30 26.17 3.52
CA LEU B 142 2.98 26.69 3.83
C LEU B 142 3.03 28.21 3.84
N ASN B 143 1.98 28.83 3.33
CA ASN B 143 1.91 30.28 3.31
C ASN B 143 0.46 30.75 3.50
N GLU B 144 0.22 32.03 3.28
CA GLU B 144 -1.11 32.58 3.54
C GLU B 144 -1.86 32.92 2.27
N THR B 145 -1.39 32.40 1.14
CA THR B 145 -2.04 32.69 -0.15
C THR B 145 -2.45 31.42 -0.87
N SER B 146 -2.33 30.29 -0.19
CA SER B 146 -2.75 29.00 -0.73
C SER B 146 -3.24 28.11 0.41
N LEU B 147 -3.98 27.05 0.09
CA LEU B 147 -4.57 26.18 1.09
C LEU B 147 -3.84 24.85 1.18
N PRO B 148 -3.66 24.31 2.39
CA PRO B 148 -4.04 24.87 3.70
C PRO B 148 -3.00 25.86 4.16
N CYS B 149 -3.40 26.84 4.97
CA CYS B 149 -2.52 27.95 5.32
C CYS B 149 -1.54 27.66 6.44
N GLY B 150 -0.38 28.30 6.37
CA GLY B 150 0.57 28.24 7.46
C GLY B 150 1.73 29.17 7.19
N ALA B 151 2.84 28.93 7.88
CA ALA B 151 4.05 29.72 7.67
C ALA B 151 5.25 28.79 7.49
N THR B 152 6.37 29.37 7.08
CA THR B 152 7.62 28.66 6.98
C THR B 152 8.63 29.37 7.86
N LYS B 153 9.25 28.61 8.76
CA LYS B 153 10.26 29.17 9.64
C LYS B 153 11.64 28.80 9.10
N ILE B 154 12.57 29.75 9.19
CA ILE B 154 13.95 29.48 8.82
C ILE B 154 14.80 29.36 10.08
N LEU B 155 15.39 28.20 10.28
CA LEU B 155 16.26 27.99 11.43
C LEU B 155 17.60 28.65 11.15
N ASN B 156 18.40 28.86 12.20
CA ASN B 156 19.74 29.40 12.01
C ASN B 156 20.64 28.34 11.37
N ASN B 157 20.75 28.44 10.04
CA ASN B 157 21.59 27.63 9.17
C ASN B 157 20.91 27.44 7.81
N GLY B 158 19.76 28.08 7.65
CA GLY B 158 19.04 28.06 6.39
C GLY B 158 17.99 26.98 6.27
N ARG B 159 17.95 26.08 7.25
CA ARG B 159 16.99 24.97 7.21
C ARG B 159 15.55 25.45 7.43
N LYS B 160 14.64 25.04 6.56
CA LYS B 160 13.24 25.44 6.67
C LYS B 160 12.44 24.43 7.50
N LEU B 161 11.44 24.96 8.21
CA LEU B 161 10.53 24.13 8.98
C LEU B 161 9.11 24.59 8.70
N ALA B 162 8.21 23.66 8.38
CA ALA B 162 6.80 24.01 8.19
C ALA B 162 6.14 24.34 9.52
N LYS B 163 5.37 25.42 9.54
CA LYS B 163 4.60 25.80 10.72
C LYS B 163 3.12 25.90 10.36
N PRO B 164 2.38 24.78 10.45
CA PRO B 164 0.97 24.79 10.05
C PRO B 164 0.09 25.66 10.94
N TYR B 165 -0.97 26.21 10.33
CA TYR B 165 -2.02 26.84 11.11
C TYR B 165 -3.15 25.85 11.28
N PHE B 166 -2.84 24.57 11.10
CA PHE B 166 -3.84 23.50 11.15
C PHE B 166 -3.29 22.31 11.95
N ASP B 167 -4.19 21.49 12.46
CA ASP B 167 -3.84 20.40 13.39
C ASP B 167 -3.67 19.07 12.66
N PHE B 168 -2.82 19.05 11.63
CA PHE B 168 -2.41 17.77 11.05
C PHE B 168 -1.00 17.92 10.49
N PHE B 169 -0.27 16.80 10.47
CA PHE B 169 1.13 16.82 10.08
C PHE B 169 1.26 17.23 8.63
N ASN B 170 2.31 17.99 8.30
CA ASN B 170 2.50 18.46 6.93
C ASN B 170 3.08 17.39 6.02
N TYR B 171 2.35 16.30 5.84
CA TYR B 171 2.75 15.24 4.90
C TYR B 171 2.75 15.79 3.48
N SER B 172 3.65 15.29 2.64
CA SER B 172 3.74 15.80 1.27
C SER B 172 4.49 14.82 0.37
N GLY B 173 4.58 15.16 -0.91
CA GLY B 173 5.17 14.26 -1.89
C GLY B 173 4.15 13.84 -2.93
N LEU B 174 4.36 12.67 -3.54
CA LEU B 174 3.41 12.10 -4.48
C LEU B 174 2.59 11.04 -3.73
N GLN B 175 1.51 11.49 -3.12
CA GLN B 175 0.75 10.70 -2.16
C GLN B 175 -0.35 9.86 -2.81
N ARG B 176 -0.57 10.03 -4.11
CA ARG B 176 -1.58 9.28 -4.81
C ARG B 176 -1.04 8.67 -6.10
N SER B 177 -1.84 7.85 -6.75
CA SER B 177 -1.38 7.16 -7.93
C SER B 177 -1.09 8.12 -9.08
N VAL B 178 -0.16 7.70 -9.92
CA VAL B 178 0.24 8.45 -11.08
C VAL B 178 0.04 7.58 -12.32
N TRP B 179 -0.55 8.14 -13.37
CA TRP B 179 -0.76 7.43 -14.62
C TRP B 179 -0.17 8.20 -15.79
N VAL B 180 0.10 7.49 -16.87
CA VAL B 180 0.21 8.14 -18.17
C VAL B 180 -0.94 7.57 -18.98
N ILE B 181 -1.65 8.44 -19.69
CA ILE B 181 -2.86 8.01 -20.38
C ILE B 181 -2.86 8.55 -21.81
N ALA B 182 -3.64 7.91 -22.67
CA ALA B 182 -3.80 8.35 -24.04
C ALA B 182 -5.29 8.48 -24.36
N LEU B 183 -5.66 9.64 -24.87
CA LEU B 183 -7.04 9.96 -25.20
C LEU B 183 -7.17 10.21 -26.70
N PRO B 184 -8.38 9.99 -27.26
CA PRO B 184 -8.59 10.37 -28.67
C PRO B 184 -8.50 11.88 -28.86
N GLU B 185 -8.22 12.34 -30.08
CA GLU B 185 -8.04 13.76 -30.36
C GLU B 185 -9.32 14.55 -30.07
N GLU B 186 -10.46 13.92 -30.27
CA GLU B 186 -11.72 14.48 -29.82
C GLU B 186 -12.29 13.60 -28.71
N SER B 187 -12.41 14.14 -27.51
CA SER B 187 -12.75 13.30 -26.36
C SER B 187 -13.82 13.92 -25.47
N VAL B 188 -14.40 13.06 -24.64
CA VAL B 188 -15.27 13.50 -23.57
C VAL B 188 -14.41 14.10 -22.46
N LYS B 189 -14.60 15.39 -22.19
CA LYS B 189 -13.79 16.12 -21.24
C LYS B 189 -14.44 16.22 -19.87
N ASP B 190 -15.77 16.34 -19.87
CA ASP B 190 -16.53 16.50 -18.64
C ASP B 190 -17.96 16.07 -18.90
N TYR B 191 -18.67 15.71 -17.84
CA TYR B 191 -20.11 15.58 -17.93
C TYR B 191 -20.68 15.83 -16.55
N SER B 192 -21.98 16.11 -16.48
CA SER B 192 -22.66 16.34 -15.21
C SER B 192 -24.01 15.65 -15.23
N VAL B 193 -24.39 15.07 -14.11
CA VAL B 193 -25.73 14.50 -13.98
C VAL B 193 -26.48 15.11 -12.79
N ASP B 194 -27.80 15.18 -12.94
CA ASP B 194 -28.66 15.68 -11.87
C ASP B 194 -29.94 14.86 -11.94
N TYR B 195 -30.59 14.62 -10.80
CA TYR B 195 -31.68 13.66 -10.75
C TYR B 195 -33.01 14.28 -10.34
N GLU B 196 -34.09 13.73 -10.87
CA GLU B 196 -35.43 14.06 -10.40
C GLU B 196 -36.24 12.79 -10.24
N LEU B 197 -36.95 12.66 -9.13
CA LEU B 197 -37.75 11.47 -8.88
C LEU B 197 -39.20 11.72 -9.30
N CYS B 198 -39.75 10.80 -10.09
CA CYS B 198 -41.12 10.90 -10.58
C CYS B 198 -41.92 9.66 -10.23
N GLY B 199 -42.43 9.60 -9.00
CA GLY B 199 -43.11 8.42 -8.54
C GLY B 199 -42.15 7.24 -8.56
N THR B 200 -42.46 6.22 -9.37
CA THR B 200 -41.61 5.04 -9.44
C THR B 200 -40.52 5.20 -10.50
N ASP B 201 -40.60 6.29 -11.25
CA ASP B 201 -39.63 6.54 -12.31
C ASP B 201 -38.64 7.63 -11.92
N ALA B 202 -37.61 7.82 -12.74
CA ALA B 202 -36.61 8.84 -12.46
C ALA B 202 -36.09 9.46 -13.74
N LEU B 203 -35.65 10.71 -13.63
CA LEU B 203 -35.03 11.41 -14.72
C LEU B 203 -33.57 11.63 -14.38
N VAL B 204 -32.68 11.30 -15.31
CA VAL B 204 -31.29 11.69 -15.18
C VAL B 204 -31.02 12.79 -16.20
N LYS B 205 -30.96 14.02 -15.71
CA LYS B 205 -30.62 15.17 -16.53
C LYS B 205 -29.11 15.20 -16.68
N TYR B 206 -28.62 15.47 -17.88
CA TYR B 206 -27.17 15.48 -18.07
C TYR B 206 -26.69 16.58 -19.01
N GLU B 207 -25.41 16.92 -18.90
CA GLU B 207 -24.69 17.73 -19.86
C GLU B 207 -23.34 17.08 -20.13
N VAL B 208 -22.91 17.12 -21.40
CA VAL B 208 -21.60 16.57 -21.77
C VAL B 208 -20.78 17.67 -22.42
N VAL B 209 -19.51 17.76 -22.05
CA VAL B 209 -18.55 18.66 -22.68
C VAL B 209 -17.50 17.82 -23.40
N THR B 210 -17.35 18.02 -24.70
CA THR B 210 -16.33 17.33 -25.46
C THR B 210 -15.34 18.34 -26.03
N THR B 211 -14.23 17.85 -26.58
CA THR B 211 -13.27 18.74 -27.21
C THR B 211 -13.51 18.90 -28.71
N GLY B 212 -14.72 18.59 -29.18
CA GLY B 212 -15.03 18.70 -30.59
C GLY B 212 -16.50 18.94 -30.86
N GLU B 213 -16.89 18.77 -32.13
CA GLU B 213 -18.26 19.10 -32.52
C GLU B 213 -19.06 17.89 -33.00
N HIS B 214 -18.47 16.70 -32.99
CA HIS B 214 -19.20 15.53 -33.44
C HIS B 214 -20.32 15.15 -32.47
N PRO B 215 -21.32 14.40 -32.97
CA PRO B 215 -22.51 14.02 -32.21
C PRO B 215 -22.18 13.19 -30.99
N VAL B 216 -23.00 13.36 -29.95
CA VAL B 216 -22.87 12.59 -28.72
C VAL B 216 -24.11 11.74 -28.48
N ILE B 217 -23.88 10.49 -28.10
CA ILE B 217 -24.93 9.59 -27.68
C ILE B 217 -24.69 9.21 -26.22
N VAL B 218 -25.76 9.17 -25.43
CA VAL B 218 -25.64 8.84 -24.02
C VAL B 218 -26.55 7.67 -23.70
N ARG B 219 -25.97 6.65 -23.07
CA ARG B 219 -26.72 5.46 -22.67
C ARG B 219 -26.61 5.27 -21.17
N LEU B 220 -27.66 4.69 -20.59
CA LEU B 220 -27.63 4.27 -19.20
C LEU B 220 -27.86 2.77 -19.11
N LEU B 221 -26.93 2.08 -18.44
CA LEU B 221 -27.05 0.64 -18.20
C LEU B 221 -27.35 0.38 -16.73
N ASP B 222 -28.14 -0.64 -16.44
CA ASP B 222 -28.40 -0.99 -15.05
C ASP B 222 -27.23 -1.81 -14.52
N ALA B 223 -27.33 -2.29 -13.29
CA ALA B 223 -26.22 -2.98 -12.63
C ALA B 223 -25.84 -4.28 -13.32
N GLU B 224 -26.72 -4.78 -14.17
CA GLU B 224 -26.49 -6.01 -14.92
C GLU B 224 -25.96 -5.70 -16.32
N GLY B 225 -25.85 -4.42 -16.64
CA GLY B 225 -25.35 -4.00 -17.95
C GLY B 225 -26.44 -3.90 -19.01
N GLU B 226 -27.71 -4.00 -18.60
CA GLU B 226 -28.82 -3.88 -19.53
C GLU B 226 -29.15 -2.41 -19.82
N LEU B 227 -29.42 -2.11 -21.09
CA LEU B 227 -29.79 -0.76 -21.50
C LEU B 227 -31.16 -0.38 -20.95
N VAL B 228 -31.23 0.73 -20.22
CA VAL B 228 -32.51 1.20 -19.67
C VAL B 228 -32.89 2.57 -20.23
N ALA B 229 -31.95 3.26 -20.86
CA ALA B 229 -32.24 4.56 -21.46
C ALA B 229 -31.17 4.97 -22.45
N GLU B 230 -31.58 5.68 -23.49
CA GLU B 230 -30.64 6.19 -24.49
C GLU B 230 -31.16 7.50 -25.06
N THR B 231 -30.27 8.46 -25.23
CA THR B 231 -30.65 9.74 -25.78
C THR B 231 -29.51 10.33 -26.61
N GLU B 232 -29.83 11.30 -27.46
CA GLU B 232 -28.83 11.95 -28.28
C GLU B 232 -28.62 13.40 -27.86
N GLY B 233 -27.39 13.88 -28.01
CA GLY B 233 -27.08 15.27 -27.74
C GLY B 233 -26.20 15.48 -26.52
N LYS B 234 -25.52 16.62 -26.50
CA LYS B 234 -24.66 16.97 -25.37
C LYS B 234 -25.46 17.43 -24.15
N GLU B 235 -26.73 17.77 -24.35
CA GLU B 235 -27.62 18.05 -23.23
C GLU B 235 -28.87 17.20 -23.41
N GLY B 236 -29.33 16.56 -22.35
CA GLY B 236 -30.55 15.78 -22.47
C GLY B 236 -31.04 15.18 -21.18
N ILE B 237 -32.06 14.34 -21.31
CA ILE B 237 -32.66 13.69 -20.17
C ILE B 237 -32.84 12.21 -20.43
N LEU B 238 -32.36 11.39 -19.51
CA LEU B 238 -32.53 9.95 -19.58
C LEU B 238 -33.72 9.55 -18.72
N GLN B 239 -34.74 8.94 -19.32
CA GLN B 239 -35.91 8.52 -18.54
C GLN B 239 -35.76 7.08 -18.09
N VAL B 240 -35.84 6.87 -16.79
CA VAL B 240 -35.63 5.54 -16.22
C VAL B 240 -36.89 5.01 -15.57
N ALA B 241 -37.50 4.00 -16.18
CA ALA B 241 -38.70 3.39 -15.64
C ALA B 241 -38.36 2.54 -14.44
N ASN B 242 -39.17 2.63 -13.40
CA ASN B 242 -39.00 1.77 -12.22
C ASN B 242 -37.58 1.83 -11.71
N ALA B 243 -37.07 3.05 -11.58
CA ALA B 243 -35.68 3.28 -11.22
C ALA B 243 -35.34 2.63 -9.90
N ARG B 244 -34.16 2.04 -9.82
CA ARG B 244 -33.66 1.51 -8.55
C ARG B 244 -32.78 2.59 -7.92
N LEU B 245 -33.28 3.21 -6.87
CA LEU B 245 -32.60 4.37 -6.30
C LEU B 245 -31.38 3.94 -5.49
N TRP B 246 -30.36 4.80 -5.54
CA TRP B 246 -29.21 4.71 -4.63
C TRP B 246 -29.68 5.14 -3.24
N GLU B 247 -29.61 4.22 -2.27
CA GLU B 247 -30.13 4.49 -0.94
C GLU B 247 -29.01 4.47 0.10
N VAL B 248 -29.21 5.17 1.21
CA VAL B 248 -28.20 5.19 2.27
C VAL B 248 -27.94 3.77 2.78
N ARG B 249 -26.67 3.39 2.77
CA ARG B 249 -26.20 2.06 3.16
C ARG B 249 -26.90 0.94 2.37
N ASN B 250 -27.37 1.29 1.19
CA ASN B 250 -28.06 0.34 0.32
C ASN B 250 -27.94 0.85 -1.11
N ALA B 251 -26.72 0.82 -1.61
CA ALA B 251 -26.39 1.43 -2.88
C ALA B 251 -26.94 0.62 -4.06
N TYR B 252 -27.25 1.34 -5.14
CA TYR B 252 -27.46 0.73 -6.45
C TYR B 252 -26.81 1.66 -7.45
N LEU B 253 -26.02 1.11 -8.37
CA LEU B 253 -25.31 1.94 -9.33
C LEU B 253 -25.66 1.58 -10.77
N TYR B 254 -26.08 2.58 -11.52
CA TYR B 254 -26.20 2.47 -12.98
C TYR B 254 -24.85 2.81 -13.60
N GLN B 255 -24.70 2.51 -14.88
CA GLN B 255 -23.50 2.92 -15.59
C GLN B 255 -23.87 3.87 -16.72
N ILE B 256 -23.34 5.09 -16.66
CA ILE B 256 -23.53 6.01 -17.78
C ILE B 256 -22.46 5.76 -18.83
N VAL B 257 -22.87 5.80 -20.09
CA VAL B 257 -21.98 5.53 -21.19
C VAL B 257 -22.12 6.67 -22.17
N ILE B 258 -21.03 7.39 -22.39
CA ILE B 258 -21.06 8.56 -23.24
C ILE B 258 -20.22 8.29 -24.48
N LEU B 259 -20.85 8.36 -25.66
CA LEU B 259 -20.15 8.09 -26.91
C LEU B 259 -20.09 9.33 -27.78
N ILE B 260 -18.93 9.55 -28.40
CA ILE B 260 -18.82 10.49 -29.50
C ILE B 260 -18.77 9.69 -30.79
N THR B 261 -19.63 10.03 -31.74
CA THR B 261 -19.73 9.22 -32.95
C THR B 261 -19.34 10.01 -34.18
N ASP B 262 -18.93 9.26 -35.20
CA ASP B 262 -18.48 9.82 -36.45
C ASP B 262 -19.21 9.09 -37.57
N GLY B 263 -20.52 9.27 -37.62
CA GLY B 263 -21.36 8.60 -38.60
C GLY B 263 -21.31 7.09 -38.52
N ASN B 264 -20.34 6.51 -39.22
CA ASN B 264 -20.21 5.06 -39.28
C ASN B 264 -19.23 4.50 -38.24
N GLY B 265 -19.07 5.21 -37.13
CA GLY B 265 -18.18 4.75 -36.09
C GLY B 265 -18.15 5.58 -34.82
N VAL B 266 -17.33 5.17 -33.87
CA VAL B 266 -17.21 5.83 -32.57
C VAL B 266 -15.82 6.44 -32.42
N LEU B 267 -15.75 7.67 -31.92
CA LEU B 267 -14.48 8.36 -31.71
C LEU B 267 -13.97 8.23 -30.27
N ASP B 268 -14.90 8.17 -29.32
CA ASP B 268 -14.55 8.09 -27.91
C ASP B 268 -15.71 7.46 -27.14
N GLU B 269 -15.37 6.85 -26.02
CA GLU B 269 -16.37 6.31 -25.12
C GLU B 269 -15.89 6.55 -23.71
N TYR B 270 -16.74 7.15 -22.88
CA TYR B 270 -16.46 7.24 -21.44
C TYR B 270 -17.58 6.55 -20.65
N ARG B 271 -17.19 5.79 -19.62
CA ARG B 271 -18.14 5.06 -18.78
C ARG B 271 -17.83 5.31 -17.32
N GLU B 272 -18.87 5.46 -16.50
CA GLU B 272 -18.70 5.68 -15.08
C GLU B 272 -19.96 5.24 -14.35
N LYS B 273 -19.78 4.67 -13.17
CA LYS B 273 -20.92 4.29 -12.34
C LYS B 273 -21.49 5.52 -11.61
N ILE B 274 -22.81 5.67 -11.69
CA ILE B 274 -23.50 6.74 -10.98
C ILE B 274 -24.68 6.16 -10.21
N GLY B 275 -25.24 6.93 -9.27
CA GLY B 275 -26.37 6.46 -8.50
C GLY B 275 -27.50 7.48 -8.52
N ILE B 276 -28.71 7.01 -8.78
CA ILE B 276 -29.85 7.91 -8.85
C ILE B 276 -30.35 8.24 -7.45
N ARG B 277 -30.17 9.50 -7.04
CA ARG B 277 -30.55 9.90 -5.70
C ARG B 277 -30.72 11.41 -5.65
N THR B 278 -31.60 11.89 -4.77
CA THR B 278 -31.74 13.33 -4.57
C THR B 278 -31.41 13.69 -3.14
N VAL B 279 -30.85 14.88 -2.95
CA VAL B 279 -30.61 15.39 -1.61
C VAL B 279 -31.12 16.82 -1.55
N ARG B 280 -31.93 17.10 -0.54
CA ARG B 280 -32.48 18.45 -0.29
C ARG B 280 -32.49 18.82 1.18
N ILE B 281 -32.43 20.11 1.41
CA ILE B 281 -32.71 20.60 2.74
C ILE B 281 -34.15 21.11 2.74
N GLU B 282 -34.94 20.65 3.70
CA GLU B 282 -36.32 21.09 3.84
C GLU B 282 -36.59 21.41 5.31
N GLY B 283 -36.72 22.71 5.61
CA GLY B 283 -36.82 23.13 6.99
C GLY B 283 -35.57 22.68 7.72
N THR B 284 -35.74 22.06 8.88
CA THR B 284 -34.60 21.60 9.66
C THR B 284 -34.20 20.16 9.33
N LYS B 285 -34.70 19.65 8.21
CA LYS B 285 -34.46 18.25 7.83
C LYS B 285 -33.53 18.12 6.62
N ILE B 286 -32.70 17.09 6.62
CA ILE B 286 -31.95 16.70 5.43
C ILE B 286 -32.69 15.53 4.79
N LEU B 287 -33.09 15.71 3.53
CA LEU B 287 -33.86 14.66 2.84
C LEU B 287 -33.02 13.96 1.80
N LEU B 288 -32.99 12.65 1.88
CA LEU B 288 -32.36 11.82 0.87
C LEU B 288 -33.45 11.01 0.20
N ASN B 289 -33.60 11.19 -1.11
CA ASN B 289 -34.73 10.59 -1.83
C ASN B 289 -36.05 10.89 -1.13
N ASP B 290 -36.21 12.14 -0.71
CA ASP B 290 -37.48 12.60 -0.15
C ASP B 290 -37.77 12.12 1.28
N ARG B 291 -36.82 11.44 1.90
CA ARG B 291 -37.01 10.95 3.26
C ARG B 291 -35.92 11.51 4.18
N PRO B 292 -36.29 11.90 5.41
CA PRO B 292 -35.27 12.46 6.29
C PRO B 292 -34.17 11.46 6.61
N VAL B 293 -32.94 11.96 6.64
CA VAL B 293 -31.82 11.16 7.10
C VAL B 293 -31.08 11.93 8.18
N TYR B 294 -30.63 11.21 9.20
CA TYR B 294 -29.84 11.78 10.27
C TYR B 294 -28.40 11.32 10.05
N LEU B 295 -27.46 12.25 9.94
CA LEU B 295 -26.08 11.87 9.64
C LEU B 295 -25.40 11.28 10.87
N LYS B 296 -24.73 10.15 10.67
CA LYS B 296 -24.05 9.45 11.74
C LYS B 296 -22.68 9.02 11.25
N GLY B 297 -21.60 9.51 11.88
CA GLY B 297 -20.30 9.08 11.41
C GLY B 297 -19.17 9.91 11.97
N PHE B 298 -18.22 10.24 11.10
CA PHE B 298 -16.93 10.78 11.53
C PHE B 298 -16.32 11.76 10.56
N GLY B 299 -15.49 12.64 11.08
CA GLY B 299 -14.44 13.24 10.27
C GLY B 299 -13.32 12.21 10.22
N LYS B 300 -12.68 12.10 9.08
CA LYS B 300 -11.56 11.18 8.92
C LYS B 300 -10.29 11.98 8.61
N HIS B 301 -9.27 11.27 8.16
CA HIS B 301 -8.06 11.87 7.59
C HIS B 301 -7.53 10.84 6.60
N GLU B 302 -6.68 11.27 5.67
CA GLU B 302 -5.90 10.29 4.93
C GLU B 302 -4.62 10.13 5.72
N ASP B 303 -4.54 9.05 6.51
CA ASP B 303 -3.48 8.93 7.50
C ASP B 303 -3.37 7.49 7.95
N PHE B 304 -2.13 6.97 7.94
CA PHE B 304 -1.89 5.57 8.23
C PHE B 304 -0.41 5.41 8.56
N PRO B 305 -0.05 4.46 9.43
CA PRO B 305 1.37 4.27 9.76
C PRO B 305 2.27 4.08 8.54
N ILE B 306 3.42 4.78 8.58
CA ILE B 306 4.48 4.74 7.57
C ILE B 306 4.09 5.40 6.23
N LEU B 307 2.93 5.04 5.69
CA LEU B 307 2.52 5.59 4.40
C LEU B 307 2.09 7.06 4.47
N GLY B 308 1.79 7.55 5.66
CA GLY B 308 1.30 8.92 5.77
C GLY B 308 -0.07 9.07 5.13
N ARG B 309 -0.19 9.96 4.15
CA ARG B 309 -1.44 10.11 3.40
C ARG B 309 -1.46 9.25 2.13
N GLY B 310 -0.44 8.41 1.97
CA GLY B 310 -0.35 7.60 0.76
C GLY B 310 -1.59 6.73 0.56
N PHE B 311 -2.10 6.73 -0.67
CA PHE B 311 -3.31 5.96 -0.94
C PHE B 311 -3.05 4.46 -0.97
N HIS B 312 -3.95 3.69 -0.37
CA HIS B 312 -3.91 2.23 -0.47
C HIS B 312 -5.32 1.69 -0.30
N TRP B 313 -5.75 0.82 -1.21
CA TRP B 313 -7.09 0.26 -1.13
C TRP B 313 -7.30 -0.51 0.18
N GLY B 314 -6.22 -0.99 0.80
CA GLY B 314 -6.33 -1.74 2.04
C GLY B 314 -6.83 -0.85 3.18
N ILE B 315 -6.40 0.40 3.16
CA ILE B 315 -6.86 1.35 4.17
C ILE B 315 -8.34 1.65 3.95
N VAL B 316 -8.74 1.87 2.70
CA VAL B 316 -10.14 2.04 2.38
C VAL B 316 -10.98 0.87 2.89
N LYS B 317 -10.55 -0.35 2.60
CA LYS B 317 -11.32 -1.53 2.98
C LYS B 317 -11.47 -1.66 4.51
N ARG B 318 -10.35 -1.57 5.23
CA ARG B 318 -10.42 -1.65 6.69
C ARG B 318 -11.31 -0.55 7.26
N ASP B 319 -11.12 0.67 6.77
CA ASP B 319 -11.88 1.80 7.33
C ASP B 319 -13.39 1.64 7.09
N PHE B 320 -13.77 1.19 5.90
CA PHE B 320 -15.19 1.01 5.64
C PHE B 320 -15.78 -0.15 6.44
N GLU B 321 -15.00 -1.21 6.68
CA GLU B 321 -15.49 -2.29 7.52
C GLU B 321 -15.71 -1.78 8.95
N CYS B 322 -14.80 -0.93 9.44
CA CYS B 322 -14.99 -0.32 10.76
C CYS B 322 -16.20 0.62 10.78
N LEU B 323 -16.32 1.46 9.76
CA LEU B 323 -17.48 2.35 9.66
C LEU B 323 -18.79 1.57 9.73
N LYS B 324 -18.89 0.51 8.93
CA LYS B 324 -20.11 -0.29 8.90
C LYS B 324 -20.40 -0.93 10.27
N TRP B 325 -19.33 -1.36 10.93
CA TRP B 325 -19.47 -2.00 12.23
C TRP B 325 -20.02 -1.02 13.26
N THR B 326 -19.67 0.27 13.13
CA THR B 326 -20.23 1.29 14.03
C THR B 326 -21.67 1.70 13.66
N ASN B 327 -22.16 1.23 12.50
CA ASN B 327 -23.48 1.61 11.98
C ASN B 327 -23.53 3.04 11.50
N ALA B 328 -22.37 3.58 11.13
CA ALA B 328 -22.27 4.90 10.52
C ALA B 328 -22.91 4.94 9.14
N ASN B 329 -23.30 6.13 8.70
CA ASN B 329 -23.74 6.31 7.31
C ASN B 329 -23.04 7.47 6.58
N CYS B 330 -22.08 8.11 7.23
CA CYS B 330 -21.54 9.36 6.68
C CYS B 330 -20.11 9.64 7.14
N PHE B 331 -19.30 10.22 6.26
CA PHE B 331 -18.11 10.88 6.76
C PHE B 331 -17.82 12.16 6.00
N ARG B 332 -17.07 13.05 6.66
CA ARG B 332 -16.61 14.29 6.04
C ARG B 332 -15.16 14.11 5.65
N THR B 333 -14.75 14.62 4.48
CA THR B 333 -13.35 14.50 4.07
C THR B 333 -12.54 15.63 4.71
N SER B 334 -12.53 15.64 6.02
CA SER B 334 -11.69 16.59 6.75
C SER B 334 -10.22 16.31 6.46
N HIS B 335 -9.39 17.31 6.16
CA HIS B 335 -9.79 18.67 5.81
C HIS B 335 -9.26 19.00 4.41
N TYR B 336 -9.60 18.14 3.45
CA TYR B 336 -9.09 18.23 2.08
C TYR B 336 -9.76 17.14 1.27
N PRO B 337 -9.90 17.36 -0.05
CA PRO B 337 -10.48 16.27 -0.84
C PRO B 337 -9.59 15.04 -0.72
N TYR B 338 -10.19 13.86 -0.64
CA TYR B 338 -9.43 12.61 -0.55
C TYR B 338 -9.13 12.03 -1.93
N ALA B 339 -8.33 10.97 -1.94
CA ALA B 339 -8.11 10.23 -3.18
C ALA B 339 -9.47 9.79 -3.74
N GLU B 340 -9.57 9.78 -5.06
CA GLU B 340 -10.86 9.52 -5.73
C GLU B 340 -11.46 8.19 -5.35
N GLU B 341 -10.59 7.22 -5.06
CA GLU B 341 -11.05 5.88 -4.70
C GLU B 341 -11.94 5.85 -3.45
N TRP B 342 -11.77 6.82 -2.55
CA TRP B 342 -12.60 6.86 -1.34
C TRP B 342 -14.06 7.07 -1.70
N TYR B 343 -14.29 7.92 -2.70
CA TYR B 343 -15.64 8.23 -3.15
C TYR B 343 -16.24 7.11 -3.98
N GLN B 344 -15.41 6.51 -4.83
CA GLN B 344 -15.83 5.33 -5.60
C GLN B 344 -16.36 4.28 -4.64
N PHE B 345 -15.65 4.06 -3.54
CA PHE B 345 -16.06 3.02 -2.62
C PHE B 345 -17.27 3.43 -1.79
N ALA B 346 -17.35 4.70 -1.39
CA ALA B 346 -18.54 5.18 -0.70
C ALA B 346 -19.77 5.01 -1.60
N ASP B 347 -19.60 5.21 -2.90
CA ASP B 347 -20.70 5.01 -3.85
C ASP B 347 -21.19 3.56 -3.79
N GLU B 348 -20.23 2.63 -3.73
CA GLU B 348 -20.56 1.21 -3.70
C GLU B 348 -21.22 0.79 -2.39
N GLU B 349 -20.80 1.41 -1.29
CA GLU B 349 -21.23 1.01 0.04
C GLU B 349 -22.39 1.85 0.58
N GLY B 350 -22.85 2.82 -0.21
CA GLY B 350 -23.98 3.64 0.19
C GLY B 350 -23.67 4.62 1.32
N PHE B 351 -22.42 5.07 1.42
CA PHE B 351 -22.06 6.08 2.40
C PHE B 351 -22.25 7.49 1.86
N LEU B 352 -22.67 8.38 2.76
CA LEU B 352 -22.85 9.80 2.43
C LEU B 352 -21.56 10.55 2.73
N ILE B 353 -21.15 11.42 1.82
CA ILE B 353 -19.93 12.21 2.03
C ILE B 353 -20.17 13.73 2.01
N ILE B 354 -19.59 14.39 2.99
CA ILE B 354 -19.44 15.84 2.95
C ILE B 354 -18.02 16.11 2.45
N ASP B 355 -17.93 16.70 1.26
CA ASP B 355 -16.67 16.83 0.55
C ASP B 355 -16.09 18.20 0.87
N GLU B 356 -14.88 18.22 1.46
CA GLU B 356 -14.34 19.44 2.04
C GLU B 356 -13.07 19.92 1.35
N VAL B 357 -13.07 21.19 0.97
CA VAL B 357 -11.92 21.85 0.36
C VAL B 357 -10.92 22.19 1.49
N PRO B 358 -9.61 22.31 1.18
CA PRO B 358 -8.65 22.41 2.29
C PRO B 358 -8.57 23.79 2.94
N ALA B 359 -9.73 24.40 3.17
CA ALA B 359 -9.78 25.76 3.69
C ALA B 359 -9.69 25.79 5.22
N VAL B 360 -8.50 25.46 5.73
CA VAL B 360 -8.22 25.54 7.15
C VAL B 360 -7.03 26.45 7.34
N GLY B 361 -6.96 27.13 8.47
CA GLY B 361 -5.81 27.94 8.83
C GLY B 361 -5.88 29.37 8.33
N MET B 362 -7.02 29.75 7.76
CA MET B 362 -7.13 31.06 7.12
C MET B 362 -7.16 32.21 8.13
N MET B 363 -7.42 31.88 9.39
CA MET B 363 -7.39 32.87 10.46
C MET B 363 -5.96 33.09 10.96
N LEU B 384 -3.33 41.99 2.77
CA LEU B 384 -3.22 42.25 1.35
C LEU B 384 -3.06 40.96 0.56
N THR B 385 -2.82 39.86 1.26
CA THR B 385 -2.65 38.55 0.63
C THR B 385 -4.00 37.86 0.42
N VAL B 386 -5.06 38.43 0.98
CA VAL B 386 -6.38 37.81 0.94
C VAL B 386 -6.92 37.64 -0.48
N PRO B 387 -6.73 38.65 -1.34
CA PRO B 387 -7.13 38.48 -2.74
C PRO B 387 -6.52 37.23 -3.40
N GLU B 388 -5.22 37.00 -3.19
CA GLU B 388 -4.58 35.79 -3.73
C GLU B 388 -5.14 34.53 -3.08
N LEU B 389 -5.38 34.60 -1.77
CA LEU B 389 -5.93 33.44 -1.05
C LEU B 389 -7.30 33.08 -1.60
N LEU B 390 -8.12 34.09 -1.86
CA LEU B 390 -9.44 33.86 -2.41
C LEU B 390 -9.36 33.14 -3.77
N LYS B 391 -8.42 33.57 -4.61
CA LYS B 391 -8.25 32.95 -5.93
C LYS B 391 -7.89 31.48 -5.76
N SER B 392 -6.98 31.18 -4.83
CA SER B 392 -6.59 29.80 -4.58
C SER B 392 -7.75 28.97 -4.07
N HIS B 393 -8.51 29.57 -3.15
CA HIS B 393 -9.67 28.92 -2.54
C HIS B 393 -10.73 28.59 -3.59
N ILE B 394 -11.02 29.56 -4.44
CA ILE B 394 -11.99 29.35 -5.51
C ILE B 394 -11.50 28.28 -6.51
N ALA B 395 -10.22 28.29 -6.84
CA ALA B 395 -9.66 27.31 -7.76
C ALA B 395 -9.79 25.88 -7.21
N ASP B 396 -9.42 25.69 -5.94
CA ASP B 396 -9.55 24.39 -5.31
C ASP B 396 -11.01 23.94 -5.29
N THR B 397 -11.91 24.90 -5.06
CA THR B 397 -13.34 24.60 -5.00
C THR B 397 -13.84 24.13 -6.36
N GLU B 398 -13.45 24.84 -7.42
CA GLU B 398 -13.80 24.48 -8.79
C GLU B 398 -13.28 23.08 -9.14
N GLU B 399 -12.04 22.80 -8.77
CA GLU B 399 -11.45 21.51 -9.09
C GLU B 399 -12.15 20.39 -8.33
N MET B 400 -12.39 20.60 -7.04
CA MET B 400 -13.05 19.59 -6.21
C MET B 400 -14.42 19.24 -6.76
N ILE B 401 -15.21 20.26 -7.05
CA ILE B 401 -16.58 20.02 -7.48
C ILE B 401 -16.59 19.38 -8.86
N THR B 402 -15.70 19.84 -9.75
CA THR B 402 -15.66 19.27 -11.10
C THR B 402 -15.24 17.79 -11.01
N ARG B 403 -14.32 17.49 -10.10
CA ARG B 403 -13.86 16.11 -9.94
C ARG B 403 -14.94 15.21 -9.32
N ASP B 404 -15.67 15.72 -8.33
CA ASP B 404 -16.47 14.83 -7.47
C ASP B 404 -17.99 14.88 -7.62
N LYS B 405 -18.49 15.80 -8.44
CA LYS B 405 -19.92 16.05 -8.55
C LYS B 405 -20.78 14.83 -8.92
N ASN B 406 -20.22 13.89 -9.67
CA ASN B 406 -21.05 12.81 -10.19
C ASN B 406 -21.05 11.56 -9.31
N HIS B 407 -20.40 11.66 -8.14
CA HIS B 407 -20.53 10.61 -7.12
C HIS B 407 -21.86 10.71 -6.41
N PRO B 408 -22.65 9.63 -6.40
CA PRO B 408 -23.87 9.71 -5.60
C PRO B 408 -23.58 9.93 -4.11
N SER B 409 -22.44 9.43 -3.63
CA SER B 409 -22.12 9.59 -2.22
C SER B 409 -21.98 11.06 -1.80
N VAL B 410 -21.56 11.92 -2.71
CA VAL B 410 -21.27 13.30 -2.33
C VAL B 410 -22.56 14.10 -2.25
N ILE B 411 -22.97 14.43 -1.02
CA ILE B 411 -24.27 15.07 -0.83
C ILE B 411 -24.15 16.49 -0.30
N ALA B 412 -22.92 16.93 -0.04
CA ALA B 412 -22.71 18.29 0.45
C ALA B 412 -21.26 18.72 0.24
N TRP B 413 -21.06 20.01 0.08
CA TRP B 413 -19.72 20.59 -0.01
C TRP B 413 -19.41 21.39 1.24
N SER B 414 -18.27 21.12 1.87
CA SER B 414 -17.80 21.95 2.95
C SER B 414 -16.72 22.89 2.44
N LEU B 415 -16.96 24.20 2.58
CA LEU B 415 -16.12 25.18 1.92
C LEU B 415 -15.18 25.89 2.88
N PHE B 416 -15.27 25.52 4.16
CA PHE B 416 -14.34 26.05 5.16
C PHE B 416 -14.39 25.21 6.44
N ASN B 417 -13.31 25.29 7.22
CA ASN B 417 -13.26 24.72 8.56
C ASN B 417 -12.61 25.74 9.47
N GLU B 418 -13.45 26.41 10.26
CA GLU B 418 -13.04 27.33 11.31
C GLU B 418 -12.23 28.52 10.84
N PRO B 419 -12.80 29.34 9.95
CA PRO B 419 -12.24 30.66 9.64
C PRO B 419 -12.84 31.75 10.52
N GLU B 420 -12.31 32.97 10.37
CA GLU B 420 -12.95 34.16 10.92
C GLU B 420 -14.26 34.42 10.16
N THR B 421 -15.32 34.77 10.88
CA THR B 421 -16.63 34.92 10.24
C THR B 421 -17.47 36.09 10.76
N ILE B 422 -16.90 36.89 11.64
CA ILE B 422 -17.65 37.95 12.31
C ILE B 422 -17.41 39.36 11.78
N THR B 423 -16.72 39.47 10.65
CA THR B 423 -16.47 40.78 10.05
C THR B 423 -17.14 40.86 8.68
N ASP B 424 -17.20 42.06 8.12
CA ASP B 424 -17.85 42.26 6.83
C ASP B 424 -16.98 41.79 5.68
N TYR B 425 -15.65 41.90 5.84
CA TYR B 425 -14.72 41.41 4.85
C TYR B 425 -14.90 39.91 4.66
N ALA B 426 -15.04 39.20 5.78
CA ALA B 426 -15.22 37.75 5.75
C ALA B 426 -16.46 37.39 4.94
N TYR B 427 -17.56 38.10 5.17
CA TYR B 427 -18.79 37.82 4.43
C TYR B 427 -18.60 37.98 2.92
N GLU B 428 -17.92 39.03 2.51
CA GLU B 428 -17.68 39.25 1.11
C GLU B 428 -16.78 38.16 0.50
N TYR B 429 -15.80 37.75 1.25
CA TYR B 429 -14.92 36.66 0.83
C TYR B 429 -15.72 35.39 0.56
N PHE B 430 -16.50 34.96 1.54
CA PHE B 430 -17.21 33.69 1.39
C PHE B 430 -18.37 33.77 0.43
N LYS B 431 -18.95 34.96 0.25
CA LYS B 431 -19.97 35.12 -0.78
C LYS B 431 -19.40 34.71 -2.13
N GLU B 432 -18.19 35.10 -2.41
CA GLU B 432 -17.58 34.76 -3.69
C GLU B 432 -17.23 33.28 -3.79
N VAL B 433 -16.79 32.70 -2.68
CA VAL B 433 -16.51 31.27 -2.69
C VAL B 433 -17.78 30.46 -2.95
N PHE B 434 -18.85 30.81 -2.24
CA PHE B 434 -20.10 30.07 -2.38
C PHE B 434 -20.70 30.27 -3.77
N ALA B 435 -20.53 31.46 -4.34
CA ALA B 435 -21.05 31.74 -5.67
C ALA B 435 -20.32 30.91 -6.72
N ALA B 436 -19.01 30.77 -6.56
CA ALA B 436 -18.23 29.93 -7.45
C ALA B 436 -18.68 28.49 -7.34
N ALA B 437 -18.83 28.01 -6.12
CA ALA B 437 -19.25 26.62 -5.89
C ALA B 437 -20.58 26.36 -6.58
N GLU B 438 -21.52 27.28 -6.43
CA GLU B 438 -22.84 27.13 -7.04
C GLU B 438 -22.75 27.08 -8.58
N THR B 439 -21.84 27.86 -9.14
CA THR B 439 -21.65 27.87 -10.59
C THR B 439 -21.14 26.52 -11.12
N TYR B 440 -20.35 25.83 -10.31
CA TYR B 440 -19.71 24.62 -10.78
C TYR B 440 -20.47 23.34 -10.47
N ASP B 441 -21.38 23.39 -9.51
CA ASP B 441 -22.18 22.20 -9.17
C ASP B 441 -23.50 22.17 -9.92
N PHE B 442 -23.54 21.32 -10.95
CA PHE B 442 -24.73 21.08 -11.74
C PHE B 442 -25.96 20.71 -10.90
N GLN B 443 -25.74 20.07 -9.75
CA GLN B 443 -26.83 19.63 -8.86
C GLN B 443 -27.26 20.66 -7.82
N SER B 444 -26.45 21.71 -7.66
CA SER B 444 -26.70 22.71 -6.63
C SER B 444 -27.01 22.06 -5.29
N ARG B 445 -26.20 21.06 -4.92
CA ARG B 445 -26.45 20.35 -3.67
C ARG B 445 -25.95 21.19 -2.51
N PRO B 446 -26.31 20.79 -1.29
CA PRO B 446 -26.07 21.63 -0.11
C PRO B 446 -24.61 22.05 0.09
N MET B 447 -24.44 23.32 0.43
CA MET B 447 -23.12 23.87 0.73
C MET B 447 -23.08 24.37 2.16
N THR B 448 -21.95 24.12 2.80
CA THR B 448 -21.83 24.41 4.21
C THR B 448 -20.37 24.70 4.56
N GLY B 449 -20.07 24.82 5.84
CA GLY B 449 -18.70 24.89 6.32
C GLY B 449 -18.75 24.67 7.81
N ALA B 450 -17.62 24.29 8.41
CA ALA B 450 -17.59 24.01 9.84
C ALA B 450 -17.19 25.25 10.61
N PHE B 451 -18.04 25.64 11.56
CA PHE B 451 -17.82 26.81 12.40
C PHE B 451 -17.18 26.44 13.72
N GLU B 452 -16.13 27.17 14.10
CA GLU B 452 -15.58 27.04 15.44
C GLU B 452 -16.33 27.99 16.35
N LYS B 453 -16.13 27.86 17.67
CA LYS B 453 -16.99 28.55 18.63
C LYS B 453 -16.89 30.06 18.58
N ASN B 454 -15.75 30.58 18.15
CA ASN B 454 -15.57 32.03 18.06
C ASN B 454 -16.63 32.68 17.18
N SER B 455 -17.17 31.91 16.24
CA SER B 455 -18.28 32.37 15.42
C SER B 455 -19.58 32.32 16.22
N LYS B 456 -19.65 33.12 17.28
CA LYS B 456 -20.81 33.15 18.17
C LYS B 456 -22.09 33.48 17.42
N PRO B 457 -23.23 32.93 17.90
CA PRO B 457 -24.55 33.07 17.29
C PRO B 457 -24.93 34.50 16.88
N GLU B 458 -24.60 35.49 17.73
CA GLU B 458 -24.97 36.87 17.43
C GLU B 458 -23.78 37.71 16.95
N LEU B 459 -22.68 37.03 16.61
CA LEU B 459 -21.52 37.71 16.05
C LEU B 459 -21.28 37.28 14.60
N CYS B 460 -21.61 36.04 14.29
CA CYS B 460 -21.37 35.43 12.99
C CYS B 460 -22.14 36.12 11.86
N LYS B 461 -21.49 36.27 10.70
CA LYS B 461 -22.12 36.90 9.53
C LYS B 461 -22.29 35.95 8.34
N CYS B 462 -21.75 34.74 8.45
CA CYS B 462 -21.64 33.87 7.28
C CYS B 462 -22.67 32.74 7.22
N TYR B 463 -23.24 32.36 8.36
CA TYR B 463 -24.13 31.21 8.39
C TYR B 463 -25.34 31.30 7.44
N PRO B 464 -25.79 32.53 7.11
CA PRO B 464 -26.88 32.63 6.12
C PRO B 464 -26.53 32.13 4.72
N LEU B 465 -25.24 32.05 4.39
CA LEU B 465 -24.81 31.51 3.10
C LEU B 465 -24.96 29.99 3.06
N CYS B 466 -25.06 29.39 4.23
CA CYS B 466 -25.02 27.93 4.36
C CYS B 466 -26.39 27.28 4.20
N ASP B 467 -26.47 26.19 3.45
CA ASP B 467 -27.73 25.44 3.33
C ASP B 467 -28.08 24.73 4.64
N PHE B 468 -27.04 24.27 5.34
CA PHE B 468 -27.21 23.83 6.72
C PHE B 468 -25.96 24.21 7.48
N ILE B 469 -26.04 24.23 8.80
CA ILE B 469 -24.94 24.72 9.60
C ILE B 469 -24.18 23.56 10.25
N CYS B 470 -22.85 23.60 10.14
CA CYS B 470 -21.98 22.62 10.81
C CYS B 470 -21.22 23.28 11.96
N LEU B 471 -21.25 22.64 13.13
CA LEU B 471 -20.54 23.15 14.30
C LEU B 471 -19.46 22.18 14.78
N ASN B 472 -18.26 22.71 15.00
CA ASN B 472 -17.22 21.99 15.73
C ASN B 472 -17.25 22.44 17.18
N ARG B 473 -17.52 21.54 18.12
CA ARG B 473 -17.63 21.97 19.51
C ARG B 473 -16.90 21.01 20.44
N TYR B 474 -16.25 21.59 21.46
CA TYR B 474 -15.44 20.82 22.39
C TYR B 474 -15.77 21.18 23.83
N TYR B 475 -17.06 21.35 24.10
CA TYR B 475 -17.56 21.49 25.46
C TYR B 475 -17.31 20.19 26.19
N GLY B 476 -16.46 20.23 27.21
CA GLY B 476 -16.06 19.02 27.91
C GLY B 476 -14.64 18.60 27.55
N TRP B 477 -14.01 19.32 26.62
CA TRP B 477 -12.59 19.05 26.37
C TRP B 477 -11.79 20.34 26.49
N TYR B 478 -11.88 21.22 25.49
CA TYR B 478 -11.17 22.51 25.57
C TYR B 478 -11.88 23.52 26.47
N ILE B 479 -13.17 23.32 26.69
CA ILE B 479 -13.96 24.19 27.55
C ILE B 479 -14.55 23.37 28.70
N SER B 480 -14.20 23.75 29.93
CA SER B 480 -14.76 23.11 31.13
C SER B 480 -14.65 21.58 31.10
N GLY B 481 -13.45 21.08 30.83
CA GLY B 481 -13.24 19.64 30.81
C GLY B 481 -13.10 19.02 32.20
N GLY B 482 -13.24 17.70 32.27
CA GLY B 482 -12.93 16.97 33.48
C GLY B 482 -13.87 17.27 34.62
N PRO B 483 -13.34 17.76 35.74
CA PRO B 483 -14.19 18.04 36.91
C PRO B 483 -15.29 19.05 36.59
N GLU B 484 -15.11 19.84 35.52
CA GLU B 484 -16.08 20.87 35.15
C GLU B 484 -17.07 20.44 34.08
N ILE B 485 -17.12 19.15 33.76
CA ILE B 485 -17.95 18.69 32.65
C ILE B 485 -19.43 19.01 32.84
N GLU B 486 -19.90 19.09 34.08
CA GLU B 486 -21.29 19.49 34.32
C GLU B 486 -21.50 20.95 33.88
N GLU B 487 -20.49 21.79 34.11
CA GLU B 487 -20.52 23.18 33.65
C GLU B 487 -20.43 23.23 32.12
N ALA B 488 -19.61 22.36 31.55
CA ALA B 488 -19.50 22.27 30.10
C ALA B 488 -20.87 22.01 29.48
N GLU B 489 -21.64 21.12 30.09
CA GLU B 489 -22.94 20.76 29.53
C GLU B 489 -23.89 21.95 29.60
N GLU B 490 -23.83 22.68 30.71
CA GLU B 490 -24.69 23.84 30.86
C GLU B 490 -24.32 24.91 29.83
N LEU B 491 -23.02 25.13 29.63
CA LEU B 491 -22.57 26.11 28.64
C LEU B 491 -23.00 25.71 27.24
N PHE B 492 -22.97 24.41 26.98
CA PHE B 492 -23.35 23.87 25.69
C PHE B 492 -24.84 24.13 25.43
N ARG B 493 -25.67 23.79 26.40
CA ARG B 493 -27.10 24.05 26.30
C ARG B 493 -27.40 25.53 26.19
N ASP B 494 -26.61 26.36 26.85
CA ASP B 494 -26.82 27.80 26.76
C ASP B 494 -26.61 28.27 25.33
N GLU B 495 -25.55 27.79 24.68
CA GLU B 495 -25.30 28.19 23.30
C GLU B 495 -26.38 27.66 22.36
N MET B 496 -26.76 26.40 22.53
CA MET B 496 -27.76 25.81 21.64
C MET B 496 -29.12 26.48 21.85
N ASP B 497 -29.39 26.93 23.08
CA ASP B 497 -30.60 27.70 23.35
C ASP B 497 -30.58 29.01 22.56
N ARG B 498 -29.39 29.59 22.41
CA ARG B 498 -29.25 30.82 21.65
C ARG B 498 -29.50 30.57 20.18
N TRP B 499 -28.95 29.46 19.66
CA TRP B 499 -29.20 29.10 18.27
C TRP B 499 -30.67 28.83 18.06
N LYS B 500 -31.30 28.14 19.01
CA LYS B 500 -32.71 27.80 18.91
C LYS B 500 -33.58 29.05 18.83
N ALA B 501 -33.22 30.05 19.62
CA ALA B 501 -34.01 31.28 19.69
C ALA B 501 -33.85 32.14 18.43
N LYS B 502 -32.84 31.85 17.62
CA LYS B 502 -32.65 32.59 16.36
C LYS B 502 -33.65 32.10 15.30
N GLU B 503 -34.21 30.91 15.55
CA GLU B 503 -35.21 30.33 14.66
C GLU B 503 -34.80 30.39 13.19
N LEU B 504 -33.60 29.89 12.91
CA LEU B 504 -33.04 29.92 11.56
C LEU B 504 -33.74 28.95 10.59
N ASN B 505 -34.44 27.97 11.14
CA ASN B 505 -35.12 26.97 10.32
C ASN B 505 -34.15 26.28 9.35
N VAL B 506 -32.97 25.91 9.84
CA VAL B 506 -32.04 25.10 9.06
C VAL B 506 -31.55 23.95 9.91
N PRO B 507 -31.12 22.85 9.27
CA PRO B 507 -30.54 21.76 10.06
C PRO B 507 -29.18 22.15 10.62
N PHE B 508 -28.88 21.65 11.82
CA PHE B 508 -27.54 21.73 12.38
C PHE B 508 -26.89 20.35 12.41
N VAL B 509 -25.63 20.30 12.03
CA VAL B 509 -24.87 19.06 12.11
C VAL B 509 -23.61 19.32 12.92
N PHE B 510 -23.35 18.52 13.95
CA PHE B 510 -22.08 18.62 14.65
C PHE B 510 -21.02 17.88 13.87
N THR B 511 -20.06 18.62 13.33
CA THR B 511 -19.03 18.03 12.49
C THR B 511 -17.81 17.63 13.29
N GLU B 512 -17.70 18.12 14.52
CA GLU B 512 -16.61 17.68 15.41
C GLU B 512 -17.04 17.74 16.86
N PHE B 513 -16.61 16.73 17.59
CA PHE B 513 -16.70 16.69 19.05
C PHE B 513 -15.87 15.46 19.42
N GLY B 514 -15.08 15.57 20.48
CA GLY B 514 -14.22 14.46 20.86
C GLY B 514 -13.25 14.84 21.97
N THR B 515 -12.52 13.83 22.46
CA THR B 515 -11.56 14.02 23.55
C THR B 515 -10.30 13.24 23.22
N ASP B 516 -9.12 13.78 23.50
CA ASP B 516 -7.94 12.95 23.31
C ASP B 516 -8.03 11.80 24.29
N THR B 517 -7.69 10.60 23.79
CA THR B 517 -7.90 9.38 24.55
C THR B 517 -6.76 8.42 24.29
N MET B 518 -5.99 8.09 25.32
CA MET B 518 -4.85 7.20 25.13
C MET B 518 -5.26 5.74 25.33
N ALA B 519 -5.27 4.96 24.26
CA ALA B 519 -5.67 3.56 24.39
C ALA B 519 -4.95 2.93 25.57
N GLY B 520 -5.71 2.28 26.45
CA GLY B 520 -5.14 1.62 27.61
C GLY B 520 -5.08 2.48 28.86
N LEU B 521 -5.36 3.78 28.74
CA LEU B 521 -5.41 4.63 29.93
C LEU B 521 -6.79 4.49 30.55
N HIS B 522 -6.83 3.79 31.67
CA HIS B 522 -8.08 3.52 32.38
C HIS B 522 -8.07 4.22 33.71
N LYS B 523 -9.18 4.82 34.10
CA LYS B 523 -9.23 5.42 35.43
C LYS B 523 -10.67 5.45 35.95
N LEU B 524 -10.78 5.15 37.24
CA LEU B 524 -12.05 5.15 37.96
C LEU B 524 -11.86 5.93 39.27
N PRO B 525 -12.48 7.12 39.37
CA PRO B 525 -13.30 7.76 38.34
C PRO B 525 -12.45 8.26 37.19
N SER B 526 -13.10 8.57 36.08
CA SER B 526 -12.40 8.91 34.84
C SER B 526 -11.62 10.20 34.96
N ILE B 527 -10.60 10.32 34.12
CA ILE B 527 -9.88 11.57 33.92
C ILE B 527 -9.82 11.91 32.44
N MET B 528 -9.68 13.20 32.13
CA MET B 528 -9.36 13.59 30.76
C MET B 528 -8.18 12.76 30.28
N TRP B 529 -8.30 12.26 29.05
CA TRP B 529 -7.34 11.37 28.35
C TRP B 529 -7.61 9.87 28.57
N SER B 530 -8.46 9.51 29.53
CA SER B 530 -8.81 8.09 29.73
C SER B 530 -9.89 7.61 28.77
N GLU B 531 -9.95 6.30 28.56
CA GLU B 531 -11.01 5.71 27.73
C GLU B 531 -12.39 5.93 28.34
N GLU B 532 -12.46 5.94 29.68
CA GLU B 532 -13.74 6.11 30.33
C GLU B 532 -14.27 7.54 30.17
N TYR B 533 -13.36 8.51 30.19
CA TYR B 533 -13.78 9.90 30.02
C TYR B 533 -14.31 10.13 28.60
N GLN B 534 -13.69 9.47 27.62
CA GLN B 534 -14.17 9.57 26.24
C GLN B 534 -15.63 9.13 26.19
N LYS B 535 -15.95 8.01 26.85
CA LYS B 535 -17.34 7.52 26.89
C LYS B 535 -18.27 8.55 27.53
N GLU B 536 -17.88 9.04 28.70
CA GLU B 536 -18.73 9.98 29.44
C GLU B 536 -18.93 11.29 28.70
N TYR B 537 -17.87 11.79 28.05
CA TYR B 537 -17.95 13.00 27.24
C TYR B 537 -18.95 12.82 26.10
N LEU B 538 -18.88 11.68 25.42
CA LEU B 538 -19.79 11.41 24.31
C LEU B 538 -21.23 11.35 24.80
N GLU B 539 -21.45 10.67 25.93
CA GLU B 539 -22.80 10.55 26.48
C GLU B 539 -23.37 11.93 26.81
N MET B 540 -22.55 12.82 27.36
CA MET B 540 -22.98 14.18 27.66
C MET B 540 -23.36 14.92 26.39
N ASN B 541 -22.51 14.81 25.38
CA ASN B 541 -22.80 15.45 24.11
C ASN B 541 -24.09 14.93 23.51
N PHE B 542 -24.32 13.62 23.56
CA PHE B 542 -25.56 13.06 23.01
C PHE B 542 -26.79 13.64 23.71
N ARG B 543 -26.72 13.77 25.04
CA ARG B 543 -27.86 14.32 25.77
C ARG B 543 -28.19 15.72 25.25
N VAL B 544 -27.16 16.52 25.01
CA VAL B 544 -27.37 17.86 24.47
C VAL B 544 -27.94 17.81 23.04
N PHE B 545 -27.30 17.04 22.15
CA PHE B 545 -27.77 16.91 20.76
C PHE B 545 -29.26 16.59 20.71
N ASP B 546 -29.65 15.60 21.50
CA ASP B 546 -31.00 15.04 21.46
C ASP B 546 -32.03 15.99 22.06
N SER B 547 -31.57 17.08 22.65
CA SER B 547 -32.47 18.07 23.25
C SER B 547 -32.96 19.12 22.25
N TYR B 548 -32.46 19.07 21.02
CA TYR B 548 -32.81 20.07 20.01
C TYR B 548 -33.29 19.42 18.72
N GLU B 549 -34.49 19.78 18.29
CA GLU B 549 -35.11 19.14 17.16
C GLU B 549 -34.34 19.39 15.86
N PHE B 550 -33.67 20.54 15.77
CA PHE B 550 -33.04 20.94 14.52
C PHE B 550 -31.67 20.31 14.32
N VAL B 551 -31.20 19.57 15.32
CA VAL B 551 -29.95 18.83 15.14
C VAL B 551 -30.25 17.64 14.24
N GLN B 552 -29.46 17.48 13.19
CA GLN B 552 -29.79 16.51 12.16
C GLN B 552 -28.58 15.64 11.79
N GLY B 553 -27.51 15.72 12.56
CA GLY B 553 -26.38 14.85 12.29
C GLY B 553 -25.28 15.04 13.29
N GLU B 554 -24.47 13.98 13.47
CA GLU B 554 -23.34 13.99 14.40
C GLU B 554 -22.19 13.23 13.76
N LEU B 555 -21.10 13.96 13.49
CA LEU B 555 -19.87 13.37 12.97
C LEU B 555 -18.78 13.58 14.01
N ALA B 556 -18.34 12.49 14.62
CA ALA B 556 -17.38 12.55 15.72
C ALA B 556 -15.99 12.87 15.18
N TRP B 557 -15.22 13.59 15.99
CA TRP B 557 -13.81 13.84 15.70
C TRP B 557 -12.98 12.97 16.63
N ASN B 558 -12.18 12.03 16.12
CA ASN B 558 -11.99 11.67 14.72
C ASN B 558 -12.28 10.17 14.60
N PHE B 559 -12.44 9.68 13.38
CA PHE B 559 -12.52 8.23 13.18
C PHE B 559 -11.32 7.51 13.83
N ALA B 560 -10.11 8.02 13.60
CA ALA B 560 -8.91 7.34 14.10
C ALA B 560 -7.84 8.34 14.48
N ASP B 561 -7.01 7.97 15.45
CA ASP B 561 -5.86 8.76 15.85
C ASP B 561 -5.02 9.06 14.62
N PHE B 562 -4.49 10.26 14.52
CA PHE B 562 -3.78 10.65 13.30
C PHE B 562 -2.59 11.55 13.60
N GLN B 563 -1.67 11.68 12.64
CA GLN B 563 -0.43 12.39 12.92
C GLN B 563 -0.60 13.91 12.88
N THR B 564 0.06 14.58 13.81
CA THR B 564 0.12 16.04 13.82
C THR B 564 1.56 16.49 13.96
N THR B 565 1.79 17.80 13.79
CA THR B 565 3.04 18.42 14.22
C THR B 565 3.33 18.08 15.69
N GLU B 566 4.59 17.85 16.01
CA GLU B 566 5.02 17.67 17.40
C GLU B 566 4.70 18.85 18.26
N GLY B 567 4.38 18.60 19.53
CA GLY B 567 4.26 19.70 20.46
C GLY B 567 3.82 19.26 21.83
N ILE B 568 3.72 20.21 22.76
CA ILE B 568 3.36 19.87 24.12
C ILE B 568 1.89 19.48 24.27
N MET B 569 1.08 19.63 23.22
CA MET B 569 -0.34 19.31 23.34
C MET B 569 -0.72 18.06 22.55
N ARG B 570 0.27 17.47 21.89
CA ARG B 570 0.03 16.33 21.02
C ARG B 570 0.96 15.17 21.35
N VAL B 571 0.39 14.09 21.88
CA VAL B 571 1.17 12.94 22.32
C VAL B 571 1.25 11.91 21.19
N ASP B 572 2.25 12.05 20.33
CA ASP B 572 2.30 11.31 19.07
C ASP B 572 1.01 11.53 18.28
N GLY B 573 0.82 12.77 17.87
CA GLY B 573 -0.34 13.14 17.07
C GLY B 573 -1.58 13.39 17.91
N ASN B 574 -2.72 13.41 17.22
CA ASN B 574 -4.02 13.65 17.79
C ASN B 574 -4.67 12.34 18.20
N HIS B 575 -5.09 12.24 19.46
CA HIS B 575 -5.63 10.99 19.97
C HIS B 575 -7.13 11.05 20.21
N LYS B 576 -7.81 11.94 19.50
CA LYS B 576 -9.27 11.99 19.58
C LYS B 576 -9.94 10.88 18.75
N GLY B 577 -9.14 9.96 18.19
CA GLY B 577 -9.72 8.85 17.47
C GLY B 577 -10.65 8.01 18.33
N VAL B 578 -11.71 7.52 17.72
CA VAL B 578 -12.53 6.47 18.32
C VAL B 578 -11.85 5.12 18.08
N PHE B 579 -11.10 5.02 16.98
CA PHE B 579 -10.20 3.91 16.69
C PHE B 579 -8.75 4.36 16.85
N THR B 580 -7.86 3.40 17.12
CA THR B 580 -6.43 3.69 17.13
C THR B 580 -5.94 3.91 15.70
N ARG B 581 -4.72 4.39 15.54
CA ARG B 581 -4.18 4.63 14.22
C ARG B 581 -4.12 3.33 13.41
N ASP B 582 -3.89 2.21 14.08
CA ASP B 582 -3.87 0.91 13.41
C ASP B 582 -5.27 0.49 12.96
N ARG B 583 -6.28 1.13 13.54
CA ARG B 583 -7.68 0.84 13.22
C ARG B 583 -8.32 -0.20 14.15
N GLN B 584 -8.10 -0.05 15.44
CA GLN B 584 -8.71 -0.92 16.46
C GLN B 584 -9.52 -0.05 17.42
N PRO B 585 -10.65 -0.58 17.92
CA PRO B 585 -11.60 0.25 18.68
C PRO B 585 -11.19 0.51 20.13
N LYS B 586 -11.28 1.77 20.52
CA LYS B 586 -11.25 2.12 21.93
C LYS B 586 -12.63 1.81 22.54
N ALA B 587 -12.76 1.93 23.85
CA ALA B 587 -14.06 1.64 24.50
C ALA B 587 -15.22 2.44 23.90
N ALA B 588 -14.98 3.68 23.50
CA ALA B 588 -16.06 4.54 23.01
C ALA B 588 -16.64 4.08 21.66
N ALA B 589 -15.90 3.26 20.92
CA ALA B 589 -16.40 2.79 19.64
C ALA B 589 -17.73 2.07 19.78
N VAL B 590 -17.87 1.27 20.84
CA VAL B 590 -19.09 0.49 21.10
C VAL B 590 -20.26 1.41 21.42
N VAL B 591 -19.95 2.52 22.10
CA VAL B 591 -20.96 3.52 22.43
C VAL B 591 -21.61 4.04 21.15
N PHE B 592 -20.80 4.41 20.16
CA PHE B 592 -21.34 4.81 18.86
C PHE B 592 -22.12 3.67 18.20
N LYS B 593 -21.53 2.48 18.18
CA LYS B 593 -22.19 1.32 17.57
C LYS B 593 -23.61 1.13 18.12
N ASP B 594 -23.74 1.16 19.44
CA ASP B 594 -25.03 0.92 20.07
C ASP B 594 -26.03 2.06 19.81
N ARG B 595 -25.53 3.29 19.83
CA ARG B 595 -26.42 4.43 19.60
C ARG B 595 -26.90 4.52 18.15
N TRP B 596 -26.02 4.22 17.20
CA TRP B 596 -26.36 4.39 15.79
C TRP B 596 -27.12 3.20 15.20
N GLU B 597 -27.15 2.08 15.94
CA GLU B 597 -27.85 0.88 15.48
C GLU B 597 -29.33 1.19 15.21
#